data_7QU1
#
_entry.id   7QU1
#
_cell.length_a   91.692
_cell.length_b   100.731
_cell.length_c   164.839
_cell.angle_alpha   90.000
_cell.angle_beta   90.000
_cell.angle_gamma   90.000
#
_symmetry.space_group_name_H-M   'I 2 2 2'
#
loop_
_entity.id
_entity.type
_entity.pdbx_description
1 polymer 'Fab MAC1 heavy chain'
2 polymer 'Fab MAC1 light chain'
3 polymer 'Pre-glycoprotein polyprotein GP complex'
4 branched alpha-D-mannopyranose-(1-2)-alpha-D-mannopyranose-(1-6)-[alpha-D-mannopyranose-(1-3)]alpha-D-mannopyranose-(1-6)-[alpha-D-mannopyranose-(1-2)-alpha-D-mannopyranose-(1-3)]beta-D-mannopyranose-(1-4)-2-acetamido-2-deoxy-beta-D-glucopyranose-(1-4)-2-acetamido-2-deoxy-beta-D-glucopyranose
5 non-polymer GLYCEROL
6 non-polymer 2-acetamido-2-deoxy-beta-D-glucopyranose
7 water water
#
loop_
_entity_poly.entity_id
_entity_poly.type
_entity_poly.pdbx_seq_one_letter_code
_entity_poly.pdbx_strand_id
1 'polypeptide(L)'
;ETGQVQLQQSGAELVKPGASVKISCKASGYAFGSHWMNWVKQRPGKGLEWIGQIYPGDGDTNYNGKFKGKATLTADKSSS
TAYMQFSSLTSEDSAVYFCARDDYGTRYYFDYWGQGTTLTVSSATTKGPSVYPLAPGSAAQTNSMVTLGCLVKGYFPEPV
TVTWNSGSLSSGVHTFPAVLQSDLYTLSSSVTVPSSTWPSQTVTCNVAHPASSTKVDKKIVPRDCGTKHHHHHH
;
A
2 'polypeptide(L)'
;ETGDIQMTQTTSSLSASLGDRVSISCRASQDINNYLNWYQQKPDGTVKLLIHYTSRLRSGVPSRFSGSGFGTDYSLTITN
LEQEDIATYFCQQGKTLPLTFGAGTKLEIKRTDAAPTVSIFPPSSEQLTSGGASVVCFLNNFYPKDINVKWKIDGSERQN
GVLNSWTDQDSKDSTYSMSSTLTLTKDEYERHNSYTCEATHKTSTSPIVKSFNRNEC
;
B
3 'polypeptide(L)'
;ELPSLCMLNNSFYYMKGGANIFLIRVSDVSVLMKEYDVSVYEPEDLGNCLNKSDSSWAIHWFSIALGHDWLMDPPMLCRN
KTKKEGSNIQFNISKADESRVYGKKIRNGMRHLFRGFYDPCEEGKVCYVTINQCGDPSSFEYCGTNYLSKCQFDHVNTLH
FLVRSKTHLNFGTGTKHHHHHH
;
C
#
loop_
_chem_comp.id
_chem_comp.type
_chem_comp.name
_chem_comp.formula
BMA D-saccharide, beta linking beta-D-mannopyranose 'C6 H12 O6'
GOL non-polymer GLYCEROL 'C3 H8 O3'
MAN D-saccharide, alpha linking alpha-D-mannopyranose 'C6 H12 O6'
NAG D-saccharide, beta linking 2-acetamido-2-deoxy-beta-D-glucopyranose 'C8 H15 N O6'
#
# COMPACT_ATOMS: atom_id res chain seq x y z
N GLY A 3 18.90 3.71 6.21
CA GLY A 3 18.70 4.11 4.83
C GLY A 3 17.27 4.48 4.49
N GLN A 4 16.69 3.78 3.53
CA GLN A 4 15.32 4.07 3.12
C GLN A 4 14.32 3.50 4.13
N VAL A 5 13.12 4.06 4.11
CA VAL A 5 12.07 3.60 5.00
C VAL A 5 11.55 2.25 4.54
N GLN A 6 11.42 1.31 5.46
CA GLN A 6 10.79 0.03 5.15
C GLN A 6 9.93 -0.41 6.31
N LEU A 7 8.75 -0.97 6.00
CA LEU A 7 7.87 -1.56 7.00
C LEU A 7 7.70 -3.03 6.63
N GLN A 8 8.22 -3.92 7.48
CA GLN A 8 8.27 -5.35 7.17
C GLN A 8 7.25 -6.06 8.06
N GLN A 9 6.21 -6.60 7.45
CA GLN A 9 5.16 -7.25 8.23
C GLN A 9 5.39 -8.76 8.31
N SER A 10 4.83 -9.36 9.36
CA SER A 10 4.95 -10.79 9.60
C SER A 10 4.12 -11.58 8.59
N GLY A 11 4.36 -12.90 8.56
CA GLY A 11 3.78 -13.76 7.54
C GLY A 11 2.32 -14.12 7.77
N ALA A 12 1.74 -14.74 6.74
CA ALA A 12 0.33 -15.12 6.75
C ALA A 12 0.02 -16.06 7.92
N GLU A 13 -1.19 -15.92 8.47
CA GLU A 13 -1.64 -16.63 9.65
C GLU A 13 -2.94 -17.36 9.35
N LEU A 14 -3.03 -18.60 9.81
CA LEU A 14 -4.25 -19.38 9.83
C LEU A 14 -4.61 -19.63 11.29
N VAL A 15 -5.82 -19.23 11.68
CA VAL A 15 -6.25 -19.21 13.08
C VAL A 15 -7.66 -19.75 13.16
N LYS A 16 -7.95 -20.53 14.21
CA LYS A 16 -9.30 -21.07 14.34
C LYS A 16 -10.26 -19.99 14.86
N PRO A 17 -11.53 -20.07 14.47
CA PRO A 17 -12.53 -19.17 15.05
C PRO A 17 -12.51 -19.22 16.57
N GLY A 18 -12.60 -18.05 17.19
CA GLY A 18 -12.57 -17.92 18.63
C GLY A 18 -11.21 -17.64 19.22
N ALA A 19 -10.14 -17.88 18.49
CA ALA A 19 -8.78 -17.73 18.98
C ALA A 19 -8.30 -16.28 18.81
N SER A 20 -7.08 -16.02 19.26
CA SER A 20 -6.41 -14.73 19.09
C SER A 20 -5.15 -14.92 18.24
N VAL A 21 -4.63 -13.80 17.75
CA VAL A 21 -3.40 -13.79 16.96
C VAL A 21 -2.81 -12.40 17.06
N LYS A 22 -1.49 -12.32 17.00
CA LYS A 22 -0.79 -11.05 17.08
C LYS A 22 0.15 -10.97 15.89
N ILE A 23 -0.03 -9.95 15.05
CA ILE A 23 0.81 -9.74 13.89
C ILE A 23 1.69 -8.52 14.16
N SER A 24 2.77 -8.40 13.39
CA SER A 24 3.80 -7.41 13.69
C SER A 24 4.19 -6.64 12.44
N CYS A 25 4.82 -5.49 12.68
CA CYS A 25 5.24 -4.55 11.65
C CYS A 25 6.57 -3.98 12.11
N LYS A 26 7.66 -4.45 11.50
CA LYS A 26 9.01 -4.02 11.87
C LYS A 26 9.42 -2.85 10.98
N ALA A 27 9.76 -1.72 11.61
CA ALA A 27 10.09 -0.49 10.91
C ALA A 27 11.60 -0.27 10.89
N SER A 28 12.09 0.31 9.78
CA SER A 28 13.48 0.68 9.71
C SER A 28 13.60 1.93 8.86
N GLY A 29 14.69 2.67 9.05
CA GLY A 29 15.01 3.82 8.23
C GLY A 29 14.49 5.15 8.71
N TYR A 30 13.89 5.20 9.90
CA TYR A 30 13.39 6.47 10.42
C TYR A 30 13.26 6.33 11.94
N ALA A 31 13.00 7.45 12.59
CA ALA A 31 12.79 7.52 14.04
C ALA A 31 11.41 6.96 14.37
N PHE A 32 11.40 5.70 14.82
CA PHE A 32 10.16 4.97 15.07
C PHE A 32 9.30 5.65 16.14
N GLY A 33 9.93 6.26 17.14
CA GLY A 33 9.18 6.93 18.19
C GLY A 33 8.57 8.25 17.80
N SER A 34 8.83 8.75 16.58
CA SER A 34 8.38 10.08 16.18
C SER A 34 7.28 10.05 15.11
N HIS A 35 6.69 8.90 14.82
CA HIS A 35 5.62 8.82 13.82
C HIS A 35 4.50 7.91 14.32
N TRP A 36 3.26 8.25 13.97
CA TRP A 36 2.17 7.33 14.19
C TRP A 36 2.31 6.12 13.27
N MET A 37 1.97 4.94 13.80
CA MET A 37 1.80 3.76 12.99
C MET A 37 0.30 3.48 12.93
N ASN A 38 -0.25 3.48 11.72
CA ASN A 38 -1.66 3.21 11.52
C ASN A 38 -1.83 1.80 10.97
N TRP A 39 -3.03 1.27 11.13
CA TRP A 39 -3.33 -0.05 10.62
C TRP A 39 -4.61 0.01 9.80
N VAL A 40 -4.65 -0.78 8.73
CA VAL A 40 -5.71 -0.74 7.74
C VAL A 40 -6.11 -2.16 7.36
N LYS A 41 -7.41 -2.40 7.22
CA LYS A 41 -7.95 -3.70 6.85
C LYS A 41 -8.51 -3.65 5.44
N GLN A 42 -8.15 -4.63 4.61
CA GLN A 42 -8.68 -4.74 3.25
C GLN A 42 -9.32 -6.10 3.05
N ARG A 43 -10.61 -6.10 2.74
CA ARG A 43 -11.28 -7.27 2.18
C ARG A 43 -11.77 -6.95 0.78
N PRO A 44 -11.83 -7.95 -0.12
CA PRO A 44 -12.23 -7.66 -1.51
C PRO A 44 -13.64 -7.09 -1.56
N GLY A 45 -13.80 -6.01 -2.33
CA GLY A 45 -15.08 -5.34 -2.39
C GLY A 45 -15.49 -4.62 -1.13
N LYS A 46 -14.59 -4.48 -0.15
CA LYS A 46 -14.86 -3.76 1.08
C LYS A 46 -13.96 -2.54 1.24
N GLY A 47 -13.33 -2.09 0.17
CA GLY A 47 -12.48 -0.91 0.24
C GLY A 47 -11.36 -1.09 1.24
N LEU A 48 -11.07 -0.02 1.97
CA LEU A 48 -10.04 -0.01 3.00
C LEU A 48 -10.66 0.56 4.26
N GLU A 49 -10.40 -0.07 5.40
CA GLU A 49 -10.96 0.36 6.68
C GLU A 49 -9.82 0.70 7.62
N TRP A 50 -9.85 1.91 8.20
CA TRP A 50 -8.83 2.28 9.17
C TRP A 50 -9.18 1.68 10.52
N ILE A 51 -8.24 0.95 11.12
CA ILE A 51 -8.46 0.26 12.40
C ILE A 51 -8.11 1.16 13.57
N GLY A 52 -6.95 1.79 13.50
CA GLY A 52 -6.47 2.59 14.60
C GLY A 52 -5.01 2.94 14.39
N GLN A 53 -4.42 3.53 15.43
CA GLN A 53 -3.06 4.02 15.35
C GLN A 53 -2.44 4.02 16.72
N ILE A 54 -1.12 3.93 16.74
CA ILE A 54 -0.34 4.05 17.96
C ILE A 54 0.81 5.00 17.67
N TYR A 55 1.17 5.79 18.67
CA TYR A 55 2.33 6.66 18.62
C TYR A 55 3.37 6.02 19.53
N PRO A 56 4.35 5.31 18.97
CA PRO A 56 5.32 4.61 19.84
C PRO A 56 6.10 5.53 20.75
N GLY A 57 6.09 6.84 20.48
CA GLY A 57 6.81 7.76 21.35
C GLY A 57 6.30 7.74 22.78
N ASP A 58 4.98 7.57 22.97
CA ASP A 58 4.37 7.57 24.30
C ASP A 58 3.37 6.45 24.50
N GLY A 59 3.24 5.52 23.57
CA GLY A 59 2.30 4.43 23.70
C GLY A 59 0.84 4.78 23.52
N ASP A 60 0.52 6.04 23.20
CA ASP A 60 -0.87 6.43 23.05
C ASP A 60 -1.48 5.77 21.82
N THR A 61 -2.78 5.48 21.90
CA THR A 61 -3.51 4.82 20.83
C THR A 61 -4.82 5.54 20.56
N ASN A 62 -5.26 5.50 19.31
CA ASN A 62 -6.60 5.90 18.91
C ASN A 62 -7.19 4.79 18.08
N TYR A 63 -8.43 4.41 18.35
CA TYR A 63 -9.07 3.33 17.63
C TYR A 63 -10.30 3.83 16.87
N ASN A 64 -10.51 3.29 15.68
CA ASN A 64 -11.82 3.29 15.07
C ASN A 64 -12.77 2.53 15.99
N GLY A 65 -13.89 3.17 16.34
CA GLY A 65 -14.81 2.53 17.26
C GLY A 65 -15.29 1.17 16.77
N LYS A 66 -15.29 0.96 15.46
CA LYS A 66 -15.71 -0.31 14.89
C LYS A 66 -14.76 -1.44 15.24
N PHE A 67 -13.53 -1.13 15.66
CA PHE A 67 -12.55 -2.15 15.97
C PHE A 67 -12.14 -2.15 17.42
N LYS A 68 -12.75 -1.32 18.27
CA LYS A 68 -12.45 -1.37 19.70
C LYS A 68 -12.77 -2.75 20.28
N GLY A 69 -11.85 -3.28 21.08
CA GLY A 69 -11.99 -4.61 21.66
C GLY A 69 -11.53 -5.73 20.74
N LYS A 70 -11.82 -5.58 19.45
CA LYS A 70 -11.31 -6.50 18.44
C LYS A 70 -9.80 -6.39 18.29
N ALA A 71 -9.30 -5.16 18.23
CA ALA A 71 -7.90 -4.90 17.93
C ALA A 71 -7.23 -4.20 19.11
N THR A 72 -6.00 -4.62 19.40
CA THR A 72 -5.22 -4.01 20.45
C THR A 72 -3.84 -3.73 19.88
N LEU A 73 -3.47 -2.45 19.84
CA LEU A 73 -2.23 -2.00 19.25
C LEU A 73 -1.21 -1.77 20.35
N THR A 74 -0.01 -2.28 20.16
CA THR A 74 1.11 -2.06 21.05
C THR A 74 2.32 -1.76 20.20
N ALA A 75 3.40 -1.34 20.86
CA ALA A 75 4.64 -1.08 20.15
C ALA A 75 5.81 -1.24 21.10
N ASP A 76 6.96 -1.58 20.53
CA ASP A 76 8.19 -1.82 21.27
C ASP A 76 9.26 -0.96 20.60
N LYS A 77 9.62 0.15 21.25
CA LYS A 77 10.56 1.09 20.67
C LYS A 77 11.93 0.45 20.51
N SER A 78 12.32 -0.43 21.42
CA SER A 78 13.66 -0.99 21.42
C SER A 78 13.92 -1.87 20.19
N SER A 79 12.87 -2.47 19.64
CA SER A 79 13.00 -3.27 18.43
C SER A 79 12.34 -2.60 17.22
N SER A 80 11.85 -1.38 17.38
CA SER A 80 11.15 -0.65 16.32
C SER A 80 10.04 -1.48 15.70
N THR A 81 9.23 -2.13 16.53
CA THR A 81 8.20 -3.03 16.03
C THR A 81 6.85 -2.63 16.58
N ALA A 82 5.86 -2.58 15.69
CA ALA A 82 4.47 -2.33 16.06
C ALA A 82 3.70 -3.64 15.97
N TYR A 83 2.75 -3.85 16.89
CA TYR A 83 1.99 -5.09 16.96
C TYR A 83 0.50 -4.82 16.95
N MET A 84 -0.24 -5.73 16.30
CA MET A 84 -1.70 -5.72 16.36
C MET A 84 -2.19 -7.10 16.77
N GLN A 85 -2.90 -7.14 17.90
CA GLN A 85 -3.42 -8.37 18.46
C GLN A 85 -4.93 -8.38 18.30
N PHE A 86 -5.45 -9.48 17.76
CA PHE A 86 -6.88 -9.68 17.58
C PHE A 86 -7.41 -10.59 18.68
N SER A 87 -8.60 -10.28 19.18
CA SER A 87 -9.25 -11.20 20.09
C SER A 87 -10.52 -11.75 19.46
N SER A 88 -10.90 -12.96 19.89
CA SER A 88 -12.13 -13.66 19.50
C SER A 88 -12.37 -13.60 17.99
N LEU A 89 -11.46 -14.21 17.25
CA LEU A 89 -11.48 -14.10 15.80
C LEU A 89 -12.69 -14.81 15.19
N THR A 90 -13.24 -14.21 14.14
CA THR A 90 -14.35 -14.80 13.40
C THR A 90 -14.06 -14.63 11.91
N SER A 91 -14.92 -15.19 11.07
CA SER A 91 -14.63 -15.24 9.64
C SER A 91 -14.57 -13.85 9.02
N GLU A 92 -15.27 -12.88 9.60
CA GLU A 92 -15.22 -11.50 9.12
C GLU A 92 -13.85 -10.86 9.34
N ASP A 93 -13.01 -11.45 10.20
CA ASP A 93 -11.65 -10.97 10.39
C ASP A 93 -10.69 -11.47 9.32
N SER A 94 -11.07 -12.46 8.50
CA SER A 94 -10.25 -12.87 7.37
C SER A 94 -10.07 -11.71 6.40
N ALA A 95 -8.83 -11.28 6.18
CA ALA A 95 -8.54 -10.05 5.46
C ALA A 95 -7.03 -9.90 5.33
N VAL A 96 -6.60 -8.94 4.50
CA VAL A 96 -5.21 -8.47 4.50
C VAL A 96 -5.15 -7.24 5.39
N TYR A 97 -4.13 -7.17 6.24
CA TYR A 97 -3.93 -6.09 7.18
C TYR A 97 -2.61 -5.41 6.88
N PHE A 98 -2.65 -4.08 6.72
CA PHE A 98 -1.48 -3.26 6.44
C PHE A 98 -1.12 -2.42 7.65
N CYS A 99 0.18 -2.30 7.93
CA CYS A 99 0.62 -1.18 8.74
C CYS A 99 1.06 -0.06 7.81
N ALA A 100 0.87 1.19 8.26
CA ALA A 100 1.30 2.31 7.44
C ALA A 100 1.64 3.49 8.35
N ARG A 101 2.78 4.14 8.09
CA ARG A 101 3.19 5.25 8.92
C ARG A 101 2.67 6.58 8.37
N ASP A 102 2.45 7.51 9.29
CA ASP A 102 2.13 8.91 8.99
C ASP A 102 3.44 9.70 8.95
N ASP A 103 3.40 10.85 8.29
CA ASP A 103 4.58 11.70 8.18
C ASP A 103 4.86 12.37 9.52
N TYR A 104 6.08 12.86 9.68
CA TYR A 104 6.45 13.59 10.88
C TYR A 104 5.63 14.86 11.02
N GLY A 105 4.86 14.98 12.09
CA GLY A 105 3.98 16.10 12.31
C GLY A 105 2.50 15.74 12.25
N THR A 106 2.18 14.47 11.99
CA THR A 106 0.81 13.94 12.02
C THR A 106 -0.07 14.64 11.00
N ARG A 107 0.02 14.20 9.76
CA ARG A 107 -0.69 14.81 8.65
CA ARG A 107 -0.72 14.84 8.69
C ARG A 107 -1.91 14.02 8.23
N TYR A 108 -2.09 12.82 8.78
CA TYR A 108 -3.17 11.91 8.43
C TYR A 108 -3.10 11.49 6.96
N TYR A 109 -1.90 11.48 6.38
CA TYR A 109 -1.66 10.70 5.17
C TYR A 109 -0.64 9.62 5.52
N PHE A 110 -0.71 8.51 4.80
CA PHE A 110 0.13 7.35 5.09
C PHE A 110 1.21 7.28 4.02
N ASP A 111 2.43 7.73 4.36
CA ASP A 111 3.44 7.94 3.34
C ASP A 111 4.25 6.69 3.04
N TYR A 112 4.27 5.70 3.94
CA TYR A 112 4.92 4.42 3.67
C TYR A 112 4.06 3.29 4.22
N TRP A 113 3.92 2.21 3.45
CA TRP A 113 3.02 1.10 3.78
C TRP A 113 3.81 -0.21 3.89
N GLY A 114 3.42 -1.08 4.82
CA GLY A 114 3.91 -2.44 4.82
C GLY A 114 3.37 -3.24 3.63
N GLN A 115 3.88 -4.46 3.47
CA GLN A 115 3.44 -5.27 2.33
C GLN A 115 2.13 -6.00 2.60
N GLY A 116 1.62 -5.96 3.83
CA GLY A 116 0.39 -6.63 4.16
C GLY A 116 0.62 -8.00 4.78
N THR A 117 -0.29 -8.38 5.69
CA THR A 117 -0.34 -9.70 6.31
C THR A 117 -1.73 -10.26 6.09
N THR A 118 -1.81 -11.46 5.52
CA THR A 118 -3.07 -12.11 5.25
C THR A 118 -3.46 -12.99 6.44
N LEU A 119 -4.62 -12.73 7.02
CA LEU A 119 -5.17 -13.57 8.07
C LEU A 119 -6.30 -14.41 7.49
N THR A 120 -6.25 -15.72 7.73
CA THR A 120 -7.36 -16.62 7.41
C THR A 120 -7.90 -17.18 8.71
N VAL A 121 -9.19 -16.92 8.99
CA VAL A 121 -9.85 -17.51 10.15
C VAL A 121 -10.72 -18.66 9.65
N SER A 122 -10.39 -19.87 10.07
CA SER A 122 -11.03 -21.06 9.52
C SER A 122 -10.75 -22.23 10.45
N SER A 123 -11.70 -23.14 10.51
CA SER A 123 -11.46 -24.39 11.20
C SER A 123 -10.75 -25.42 10.33
N ALA A 124 -10.59 -25.19 9.04
CA ALA A 124 -9.96 -26.19 8.17
C ALA A 124 -8.50 -26.38 8.54
N THR A 125 -8.02 -27.61 8.43
CA THR A 125 -6.67 -27.94 8.85
C THR A 125 -5.69 -27.74 7.70
N THR A 126 -4.43 -27.50 8.06
CA THR A 126 -3.39 -27.29 7.06
C THR A 126 -3.12 -28.56 6.29
N LYS A 127 -2.94 -28.43 4.97
CA LYS A 127 -2.69 -29.54 4.05
C LYS A 127 -1.70 -29.11 2.99
N GLY A 128 -0.71 -29.93 2.71
CA GLY A 128 0.25 -29.63 1.68
C GLY A 128 -0.29 -29.94 0.28
N PRO A 129 0.23 -29.26 -0.73
CA PRO A 129 -0.29 -29.47 -2.09
C PRO A 129 0.31 -30.69 -2.75
N SER A 130 -0.45 -31.25 -3.70
CA SER A 130 0.10 -32.17 -4.68
C SER A 130 0.34 -31.39 -5.96
N VAL A 131 1.51 -31.58 -6.59
CA VAL A 131 1.91 -30.86 -7.78
C VAL A 131 1.92 -31.84 -8.95
N TYR A 132 1.08 -31.56 -9.95
CA TYR A 132 0.87 -32.48 -11.05
C TYR A 132 1.33 -31.84 -12.35
N PRO A 133 2.16 -32.50 -13.13
CA PRO A 133 2.64 -31.89 -14.38
C PRO A 133 1.55 -31.85 -15.43
N LEU A 134 1.52 -30.76 -16.20
CA LEU A 134 0.62 -30.62 -17.32
C LEU A 134 1.46 -30.64 -18.59
N ALA A 135 1.40 -31.75 -19.33
CA ALA A 135 2.14 -31.91 -20.56
C ALA A 135 1.17 -32.20 -21.70
N PRO A 136 1.49 -31.76 -22.92
CA PRO A 136 0.60 -32.05 -24.06
C PRO A 136 0.37 -33.53 -24.26
N GLY A 137 -0.84 -33.87 -24.67
CA GLY A 137 -1.14 -35.24 -25.06
C GLY A 137 -0.21 -35.72 -26.16
N SER A 138 -0.01 -37.04 -26.19
CA SER A 138 1.00 -37.63 -27.08
C SER A 138 0.69 -37.33 -28.54
N ALA A 139 -0.59 -37.28 -28.91
CA ALA A 139 -0.99 -37.02 -30.29
C ALA A 139 -1.17 -35.55 -30.59
N ALA A 140 -0.87 -34.66 -29.64
CA ALA A 140 -1.01 -33.23 -29.88
C ALA A 140 0.04 -32.76 -30.88
N GLN A 141 -0.32 -31.74 -31.67
CA GLN A 141 0.54 -31.23 -32.73
C GLN A 141 1.52 -30.20 -32.18
N THR A 142 2.58 -29.96 -32.96
CA THR A 142 3.67 -29.06 -32.59
C THR A 142 3.57 -27.77 -33.39
N ASN A 143 3.61 -26.63 -32.68
CA ASN A 143 3.58 -25.29 -33.25
C ASN A 143 4.96 -24.64 -33.12
N SER A 144 5.01 -23.32 -33.26
CA SER A 144 6.24 -22.60 -32.94
C SER A 144 6.38 -22.32 -31.44
N MET A 145 5.26 -22.25 -30.71
CA MET A 145 5.26 -22.14 -29.26
C MET A 145 4.57 -23.35 -28.66
N VAL A 146 5.03 -23.73 -27.46
CA VAL A 146 4.43 -24.85 -26.72
C VAL A 146 4.12 -24.36 -25.32
N THR A 147 2.94 -24.71 -24.84
CA THR A 147 2.49 -24.33 -23.52
C THR A 147 2.49 -25.56 -22.62
N LEU A 148 2.99 -25.38 -21.39
CA LEU A 148 3.08 -26.44 -20.41
C LEU A 148 2.44 -25.93 -19.13
N GLY A 149 2.28 -26.81 -18.14
CA GLY A 149 1.66 -26.30 -16.93
C GLY A 149 1.96 -27.14 -15.71
N CYS A 150 1.53 -26.61 -14.56
CA CYS A 150 1.57 -27.32 -13.30
C CYS A 150 0.23 -27.13 -12.58
N LEU A 151 -0.31 -28.23 -12.07
CA LEU A 151 -1.54 -28.21 -11.30
C LEU A 151 -1.18 -28.44 -9.84
N VAL A 152 -1.49 -27.45 -9.00
CA VAL A 152 -1.15 -27.43 -7.59
C VAL A 152 -2.45 -27.63 -6.83
N LYS A 153 -2.70 -28.84 -6.37
CA LYS A 153 -4.04 -29.25 -5.99
C LYS A 153 -4.12 -29.63 -4.52
N GLY A 154 -5.20 -29.19 -3.87
CA GLY A 154 -5.60 -29.75 -2.60
C GLY A 154 -4.82 -29.27 -1.39
N TYR A 155 -4.55 -27.97 -1.30
CA TYR A 155 -3.75 -27.45 -0.20
C TYR A 155 -4.57 -26.46 0.64
N PHE A 156 -4.05 -26.16 1.82
CA PHE A 156 -4.68 -25.20 2.71
C PHE A 156 -3.67 -24.84 3.79
N PRO A 157 -3.54 -23.55 4.16
CA PRO A 157 -4.27 -22.43 3.57
C PRO A 157 -3.47 -21.82 2.41
N GLU A 158 -3.90 -20.66 1.93
CA GLU A 158 -3.04 -19.82 1.11
C GLU A 158 -1.87 -19.29 1.95
N PRO A 159 -0.72 -18.99 1.32
CA PRO A 159 -0.41 -19.05 -0.12
C PRO A 159 0.46 -20.19 -0.57
N VAL A 160 0.56 -20.34 -1.89
CA VAL A 160 1.65 -21.07 -2.50
C VAL A 160 2.40 -20.10 -3.39
N THR A 161 3.62 -20.49 -3.75
CA THR A 161 4.46 -19.76 -4.69
C THR A 161 4.84 -20.73 -5.79
N VAL A 162 4.70 -20.29 -7.04
CA VAL A 162 5.00 -21.13 -8.20
C VAL A 162 6.02 -20.41 -9.07
N THR A 163 7.11 -21.11 -9.41
CA THR A 163 8.13 -20.58 -10.32
C THR A 163 8.53 -21.69 -11.30
N TRP A 164 9.35 -21.33 -12.29
CA TRP A 164 9.72 -22.22 -13.38
C TRP A 164 11.23 -22.22 -13.60
N ASN A 165 11.83 -23.41 -13.62
CA ASN A 165 13.26 -23.62 -13.77
C ASN A 165 14.06 -22.81 -12.74
N SER A 166 13.62 -22.89 -11.48
CA SER A 166 14.19 -22.12 -10.37
C SER A 166 14.18 -20.62 -10.66
N GLY A 167 13.12 -20.13 -11.32
CA GLY A 167 12.98 -18.72 -11.63
C GLY A 167 13.59 -18.27 -12.95
N SER A 168 14.41 -19.10 -13.60
CA SER A 168 14.98 -18.73 -14.89
C SER A 168 13.90 -18.37 -15.91
N LEU A 169 12.84 -19.18 -15.96
CA LEU A 169 11.78 -19.07 -16.94
C LEU A 169 10.66 -18.21 -16.35
N SER A 170 10.51 -16.98 -16.84
CA SER A 170 9.61 -16.05 -16.17
C SER A 170 8.69 -15.28 -17.12
N SER A 171 9.14 -15.06 -18.36
CA SER A 171 8.42 -14.16 -19.25
C SER A 171 7.07 -14.72 -19.66
N GLY A 172 7.03 -15.96 -20.14
CA GLY A 172 5.77 -16.49 -20.63
C GLY A 172 5.00 -17.32 -19.62
N VAL A 173 4.75 -16.78 -18.42
CA VAL A 173 4.13 -17.51 -17.32
C VAL A 173 2.81 -16.85 -16.95
N HIS A 174 1.78 -17.67 -16.71
CA HIS A 174 0.52 -17.23 -16.12
C HIS A 174 0.21 -18.10 -14.92
N THR A 175 0.15 -17.49 -13.73
CA THR A 175 -0.27 -18.21 -12.54
C THR A 175 -1.64 -17.69 -12.12
N PHE A 176 -2.60 -18.58 -12.09
CA PHE A 176 -4.00 -18.23 -11.94
C PHE A 176 -4.41 -18.22 -10.47
N PRO A 177 -5.34 -17.33 -10.09
CA PRO A 177 -5.83 -17.31 -8.71
C PRO A 177 -6.41 -18.65 -8.28
N ALA A 178 -6.11 -19.04 -7.05
CA ALA A 178 -6.56 -20.31 -6.51
C ALA A 178 -8.06 -20.31 -6.34
N VAL A 179 -8.66 -21.48 -6.47
CA VAL A 179 -10.08 -21.67 -6.22
C VAL A 179 -10.24 -22.54 -4.99
N LEU A 180 -11.15 -22.15 -4.10
CA LEU A 180 -11.43 -22.90 -2.88
C LEU A 180 -12.65 -23.77 -3.11
N GLN A 181 -12.53 -25.06 -2.78
CA GLN A 181 -13.67 -25.96 -2.81
C GLN A 181 -13.48 -27.01 -1.73
N SER A 182 -14.49 -27.17 -0.87
CA SER A 182 -14.49 -28.18 0.18
C SER A 182 -13.25 -28.05 1.07
N ASP A 183 -12.95 -26.81 1.46
CA ASP A 183 -11.85 -26.48 2.36
C ASP A 183 -10.48 -26.73 1.75
N LEU A 184 -10.36 -26.81 0.43
CA LEU A 184 -9.08 -27.00 -0.20
C LEU A 184 -8.94 -26.09 -1.41
N TYR A 185 -7.75 -25.54 -1.60
CA TYR A 185 -7.45 -24.69 -2.72
C TYR A 185 -6.83 -25.50 -3.86
N THR A 186 -7.08 -25.04 -5.08
CA THR A 186 -6.40 -25.60 -6.23
C THR A 186 -6.07 -24.44 -7.15
N LEU A 187 -4.83 -24.39 -7.64
CA LEU A 187 -4.50 -23.43 -8.67
C LEU A 187 -3.68 -24.12 -9.75
N SER A 188 -3.60 -23.44 -10.90
CA SER A 188 -2.84 -23.92 -12.03
C SER A 188 -1.92 -22.80 -12.48
N SER A 189 -0.86 -23.17 -13.19
CA SER A 189 0.08 -22.20 -13.75
C SER A 189 0.54 -22.72 -15.10
N SER A 190 0.56 -21.83 -16.09
CA SER A 190 1.01 -22.18 -17.43
C SER A 190 2.31 -21.45 -17.75
N VAL A 191 3.12 -22.06 -18.61
CA VAL A 191 4.36 -21.49 -19.11
C VAL A 191 4.45 -21.81 -20.60
N THR A 192 4.89 -20.84 -21.40
CA THR A 192 4.98 -20.98 -22.85
C THR A 192 6.43 -20.80 -23.28
N VAL A 193 6.97 -21.80 -23.98
CA VAL A 193 8.38 -21.78 -24.38
C VAL A 193 8.46 -22.15 -25.86
N PRO A 194 9.57 -21.82 -26.52
CA PRO A 194 9.75 -22.23 -27.91
C PRO A 194 9.80 -23.74 -28.07
N SER A 195 9.26 -24.22 -29.20
CA SER A 195 9.20 -25.65 -29.44
C SER A 195 10.58 -26.27 -29.54
N SER A 196 11.58 -25.47 -29.88
CA SER A 196 12.95 -25.98 -29.94
C SER A 196 13.47 -26.30 -28.54
N THR A 197 13.12 -25.46 -27.56
CA THR A 197 13.67 -25.59 -26.21
C THR A 197 13.11 -26.82 -25.50
N TRP A 198 11.81 -27.09 -25.64
CA TRP A 198 11.22 -28.22 -24.96
C TRP A 198 10.70 -29.23 -25.97
N PRO A 199 10.97 -30.53 -25.76
CA PRO A 199 11.54 -31.15 -24.56
C PRO A 199 13.06 -31.26 -24.51
N SER A 200 13.77 -30.71 -25.51
CA SER A 200 15.22 -30.87 -25.55
C SER A 200 15.87 -30.33 -24.26
N GLN A 201 15.37 -29.22 -23.75
CA GLN A 201 15.80 -28.67 -22.47
C GLN A 201 14.72 -28.87 -21.43
N THR A 202 15.12 -29.28 -20.23
CA THR A 202 14.16 -29.61 -19.19
C THR A 202 13.44 -28.37 -18.69
N VAL A 203 12.13 -28.50 -18.47
CA VAL A 203 11.31 -27.45 -17.90
C VAL A 203 10.70 -27.96 -16.60
N THR A 204 10.88 -27.21 -15.52
CA THR A 204 10.49 -27.65 -14.19
C THR A 204 9.76 -26.52 -13.49
N CYS A 205 8.61 -26.82 -12.90
CA CYS A 205 7.93 -25.87 -12.04
C CYS A 205 8.30 -26.14 -10.59
N ASN A 206 8.48 -25.07 -9.84
CA ASN A 206 8.90 -25.14 -8.44
C ASN A 206 7.78 -24.54 -7.61
N VAL A 207 7.25 -25.34 -6.69
CA VAL A 207 6.10 -24.93 -5.88
C VAL A 207 6.53 -24.98 -4.42
N ALA A 208 6.15 -23.94 -3.66
CA ALA A 208 6.43 -23.90 -2.24
C ALA A 208 5.15 -23.56 -1.51
N HIS A 209 4.94 -24.23 -0.36
CA HIS A 209 3.79 -24.03 0.50
C HIS A 209 4.30 -23.89 1.92
N PRO A 210 4.58 -22.66 2.38
CA PRO A 210 5.28 -22.50 3.65
C PRO A 210 4.53 -23.10 4.83
N ALA A 211 3.20 -22.97 4.85
CA ALA A 211 2.40 -23.42 5.98
C ALA A 211 2.54 -24.92 6.22
N SER A 212 2.76 -25.70 5.17
CA SER A 212 3.02 -27.13 5.33
C SER A 212 4.49 -27.47 5.19
N SER A 213 5.36 -26.46 5.08
CA SER A 213 6.79 -26.67 4.89
C SER A 213 7.05 -27.56 3.68
N THR A 214 6.38 -27.23 2.58
CA THR A 214 6.44 -28.01 1.36
C THR A 214 7.19 -27.22 0.28
N LYS A 215 8.19 -27.87 -0.32
CA LYS A 215 8.92 -27.33 -1.47
C LYS A 215 9.07 -28.47 -2.46
N VAL A 216 8.44 -28.34 -3.62
CA VAL A 216 8.42 -29.41 -4.62
C VAL A 216 8.89 -28.86 -5.94
N ASP A 217 9.74 -29.61 -6.63
CA ASP A 217 10.11 -29.38 -8.01
C ASP A 217 9.47 -30.49 -8.85
N LYS A 218 8.72 -30.11 -9.87
CA LYS A 218 8.06 -31.07 -10.74
C LYS A 218 8.56 -30.85 -12.17
N LYS A 219 9.28 -31.84 -12.69
CA LYS A 219 9.79 -31.78 -14.06
C LYS A 219 8.69 -32.19 -15.04
N ILE A 220 8.53 -31.44 -16.12
CA ILE A 220 7.50 -31.70 -17.12
C ILE A 220 8.11 -32.59 -18.20
N VAL A 221 7.75 -33.87 -18.20
CA VAL A 221 8.26 -34.80 -19.22
C VAL A 221 7.24 -35.00 -20.32
N PRO A 222 7.67 -35.15 -21.57
CA PRO A 222 6.73 -35.47 -22.66
C PRO A 222 6.03 -36.78 -22.40
N ARG A 223 4.78 -36.87 -22.85
CA ARG A 223 4.04 -38.11 -22.79
C ARG A 223 4.37 -38.97 -24.00
N ASP A 224 4.50 -40.27 -23.79
CA ASP A 224 4.84 -41.20 -24.87
C ASP A 224 3.73 -42.22 -25.13
N THR B 2 -20.62 14.50 15.54
CA THR B 2 -21.33 14.00 14.37
C THR B 2 -20.81 12.63 13.92
N GLY B 3 -21.40 12.09 12.84
CA GLY B 3 -21.05 10.77 12.37
C GLY B 3 -19.74 10.73 11.59
N ASP B 4 -19.33 9.50 11.27
CA ASP B 4 -18.13 9.28 10.46
C ASP B 4 -18.28 9.91 9.07
N ILE B 5 -17.15 10.33 8.51
CA ILE B 5 -17.19 10.90 7.16
C ILE B 5 -17.19 9.77 6.15
N GLN B 6 -18.25 9.70 5.34
CA GLN B 6 -18.39 8.67 4.31
C GLN B 6 -17.73 9.14 3.02
N MET B 7 -16.83 8.33 2.48
CA MET B 7 -16.13 8.61 1.23
C MET B 7 -16.73 7.76 0.12
N THR B 8 -17.16 8.40 -0.95
CA THR B 8 -17.86 7.72 -2.05
C THR B 8 -17.07 7.89 -3.33
N GLN B 9 -16.63 6.78 -3.91
CA GLN B 9 -16.10 6.76 -5.27
C GLN B 9 -17.16 6.09 -6.13
N THR B 10 -18.00 6.91 -6.77
CA THR B 10 -19.18 6.36 -7.45
C THR B 10 -18.84 5.44 -8.60
N THR B 11 -17.66 5.59 -9.21
CA THR B 11 -17.22 4.71 -10.29
C THR B 11 -16.31 3.64 -9.70
N SER B 12 -16.73 2.38 -9.81
CA SER B 12 -15.95 1.30 -9.23
C SER B 12 -14.87 0.79 -10.19
N SER B 13 -15.07 0.95 -11.49
CA SER B 13 -14.06 0.55 -12.45
C SER B 13 -14.23 1.33 -13.75
N LEU B 14 -13.11 1.56 -14.43
CA LEU B 14 -13.15 2.27 -15.70
C LEU B 14 -12.03 1.74 -16.58
N SER B 15 -12.17 1.95 -17.88
CA SER B 15 -11.19 1.47 -18.84
C SER B 15 -10.94 2.56 -19.87
N ALA B 16 -9.68 2.71 -20.25
CA ALA B 16 -9.31 3.75 -21.19
C ALA B 16 -8.11 3.27 -21.98
N SER B 17 -7.89 3.91 -23.11
CA SER B 17 -6.76 3.57 -23.97
C SER B 17 -5.49 4.24 -23.48
N LEU B 18 -4.36 3.63 -23.81
CA LEU B 18 -3.08 4.30 -23.62
C LEU B 18 -3.14 5.70 -24.19
N GLY B 19 -2.66 6.67 -23.41
CA GLY B 19 -2.63 8.05 -23.84
C GLY B 19 -3.88 8.86 -23.52
N ASP B 20 -4.99 8.20 -23.18
CA ASP B 20 -6.21 8.88 -22.80
C ASP B 20 -6.05 9.60 -21.48
N ARG B 21 -6.93 10.58 -21.27
CA ARG B 21 -7.08 11.27 -20.00
C ARG B 21 -8.27 10.68 -19.26
N VAL B 22 -8.08 10.29 -18.00
CA VAL B 22 -9.19 9.80 -17.19
C VAL B 22 -9.26 10.61 -15.91
N SER B 23 -10.45 10.67 -15.32
CA SER B 23 -10.63 11.30 -14.03
C SER B 23 -11.47 10.40 -13.14
N ILE B 24 -11.08 10.34 -11.87
CA ILE B 24 -11.70 9.50 -10.87
C ILE B 24 -12.29 10.39 -9.79
N SER B 25 -13.58 10.27 -9.57
CA SER B 25 -14.26 11.17 -8.66
C SER B 25 -14.24 10.59 -7.25
N CYS B 26 -14.22 11.49 -6.28
CA CYS B 26 -14.30 11.16 -4.86
C CYS B 26 -15.12 12.25 -4.19
N ARG B 27 -16.13 11.88 -3.43
CA ARG B 27 -16.84 12.88 -2.63
C ARG B 27 -17.00 12.42 -1.20
N ALA B 28 -16.98 13.38 -0.29
CA ALA B 28 -17.12 13.15 1.15
C ALA B 28 -18.49 13.62 1.62
N SER B 29 -18.99 12.99 2.70
CA SER B 29 -20.28 13.38 3.24
C SER B 29 -20.22 14.64 4.10
N GLN B 30 -19.02 15.12 4.41
CA GLN B 30 -18.83 16.36 5.14
C GLN B 30 -17.69 17.13 4.50
N ASP B 31 -17.65 18.44 4.74
CA ASP B 31 -16.54 19.27 4.29
C ASP B 31 -15.24 18.74 4.88
N ILE B 32 -14.29 18.36 4.04
CA ILE B 32 -13.00 17.89 4.54
C ILE B 32 -11.89 18.89 4.30
N ASN B 33 -12.18 20.08 3.77
N ASN B 33 -12.18 20.08 3.77
CA ASN B 33 -11.26 21.22 3.78
CA ASN B 33 -11.23 21.20 3.82
C ASN B 33 -9.94 20.89 3.09
C ASN B 33 -9.92 20.87 3.10
N ASN B 34 -10.02 20.18 1.97
CA ASN B 34 -8.89 19.82 1.11
C ASN B 34 -7.94 18.80 1.73
N TYR B 35 -8.27 18.23 2.90
CA TYR B 35 -7.46 17.15 3.49
C TYR B 35 -7.87 15.83 2.85
N LEU B 36 -7.42 15.63 1.62
CA LEU B 36 -7.88 14.53 0.78
C LEU B 36 -6.66 13.95 0.09
N ASN B 37 -6.45 12.66 0.27
CA ASN B 37 -5.24 11.99 -0.18
C ASN B 37 -5.62 10.88 -1.14
N TRP B 38 -4.74 10.63 -2.12
CA TRP B 38 -4.97 9.61 -3.15
C TRP B 38 -3.88 8.54 -3.05
N TYR B 39 -4.31 7.27 -3.02
CA TYR B 39 -3.40 6.13 -3.01
C TYR B 39 -3.59 5.29 -4.27
N GLN B 40 -2.50 4.68 -4.70
CA GLN B 40 -2.49 3.73 -5.80
C GLN B 40 -2.12 2.37 -5.24
N GLN B 41 -2.97 1.38 -5.48
CA GLN B 41 -2.65 0.00 -5.12
C GLN B 41 -2.44 -0.80 -6.39
N LYS B 42 -1.23 -1.31 -6.56
CA LYS B 42 -0.90 -2.17 -7.69
C LYS B 42 -1.60 -3.53 -7.56
N PRO B 43 -1.71 -4.27 -8.66
CA PRO B 43 -2.33 -5.61 -8.59
C PRO B 43 -1.69 -6.55 -7.58
N ASP B 44 -0.39 -6.40 -7.30
CA ASP B 44 0.27 -7.24 -6.31
C ASP B 44 -0.01 -6.82 -4.89
N GLY B 45 -0.79 -5.75 -4.69
CA GLY B 45 -1.23 -5.34 -3.37
C GLY B 45 -0.44 -4.20 -2.77
N THR B 46 0.68 -3.82 -3.37
CA THR B 46 1.50 -2.75 -2.83
C THR B 46 0.79 -1.40 -2.97
N VAL B 47 0.80 -0.62 -1.89
CA VAL B 47 0.11 0.66 -1.81
C VAL B 47 1.14 1.78 -1.80
N LYS B 48 0.85 2.85 -2.56
CA LYS B 48 1.72 4.01 -2.63
C LYS B 48 0.86 5.27 -2.49
N LEU B 49 1.33 6.24 -1.70
CA LEU B 49 0.69 7.55 -1.62
C LEU B 49 1.06 8.36 -2.87
N LEU B 50 0.06 8.79 -3.65
CA LEU B 50 0.35 9.59 -4.84
C LEU B 50 0.29 11.10 -4.57
N ILE B 51 -0.76 11.54 -3.87
CA ILE B 51 -1.11 12.95 -3.71
C ILE B 51 -1.68 13.13 -2.31
N HIS B 52 -1.30 14.23 -1.65
CA HIS B 52 -1.89 14.60 -0.39
C HIS B 52 -2.38 16.04 -0.50
N TYR B 53 -3.26 16.45 0.42
CA TYR B 53 -3.79 17.82 0.45
C TYR B 53 -4.35 18.23 -0.92
N THR B 54 -5.19 17.37 -1.47
CA THR B 54 -5.92 17.55 -2.72
C THR B 54 -5.07 17.48 -3.99
N SER B 55 -3.92 18.18 -4.03
CA SER B 55 -3.18 18.37 -5.26
C SER B 55 -1.67 18.28 -5.11
N ARG B 56 -1.13 18.04 -3.92
CA ARG B 56 0.30 18.07 -3.70
C ARG B 56 0.89 16.70 -4.09
N LEU B 57 1.65 16.69 -5.17
CA LEU B 57 2.23 15.46 -5.71
C LEU B 57 3.40 15.02 -4.84
N ARG B 58 3.43 13.74 -4.50
CA ARG B 58 4.58 13.20 -3.79
C ARG B 58 5.78 13.07 -4.74
N SER B 59 6.97 13.21 -4.17
CA SER B 59 8.21 13.07 -4.94
C SER B 59 8.25 11.74 -5.66
N GLY B 60 8.68 11.77 -6.92
CA GLY B 60 8.74 10.57 -7.71
C GLY B 60 7.46 10.21 -8.43
N VAL B 61 6.35 10.87 -8.12
CA VAL B 61 5.08 10.54 -8.76
C VAL B 61 4.98 11.32 -10.06
N PRO B 62 4.66 10.69 -11.19
CA PRO B 62 4.63 11.42 -12.46
C PRO B 62 3.61 12.56 -12.43
N SER B 63 3.98 13.64 -13.09
CA SER B 63 3.16 14.84 -13.23
C SER B 63 1.87 14.59 -14.01
N ARG B 64 1.78 13.46 -14.71
CA ARG B 64 0.52 13.02 -15.32
C ARG B 64 -0.59 12.90 -14.28
N PHE B 65 -0.25 12.65 -13.03
CA PHE B 65 -1.22 12.54 -11.94
C PHE B 65 -1.47 13.93 -11.34
N SER B 66 -2.74 14.32 -11.28
CA SER B 66 -3.04 15.58 -10.61
C SER B 66 -4.38 15.50 -9.90
N GLY B 67 -4.52 16.31 -8.89
CA GLY B 67 -5.70 16.28 -8.04
C GLY B 67 -6.34 17.64 -7.93
N SER B 68 -7.66 17.66 -7.91
CA SER B 68 -8.39 18.91 -7.77
C SER B 68 -9.55 18.66 -6.82
N GLY B 69 -10.20 19.74 -6.42
CA GLY B 69 -11.33 19.63 -5.53
C GLY B 69 -11.33 20.65 -4.41
N PHE B 70 -12.47 20.72 -3.73
CA PHE B 70 -12.63 21.51 -2.51
C PHE B 70 -13.92 21.06 -1.85
N GLY B 71 -14.05 21.40 -0.57
CA GLY B 71 -15.30 21.12 0.13
C GLY B 71 -15.52 19.61 0.22
N THR B 72 -16.59 19.14 -0.41
CA THR B 72 -16.89 17.71 -0.43
C THR B 72 -16.47 16.97 -1.70
N ASP B 73 -16.14 17.68 -2.79
CA ASP B 73 -15.99 17.05 -4.11
C ASP B 73 -14.55 17.12 -4.62
N TYR B 74 -14.00 15.97 -5.00
CA TYR B 74 -12.60 15.85 -5.37
C TYR B 74 -12.43 14.96 -6.60
N SER B 75 -11.29 15.10 -7.27
CA SER B 75 -11.06 14.39 -8.52
C SER B 75 -9.57 14.09 -8.68
N LEU B 76 -9.26 12.85 -9.05
CA LEU B 76 -7.92 12.47 -9.49
C LEU B 76 -7.93 12.37 -11.01
N THR B 77 -7.06 13.11 -11.67
CA THR B 77 -6.96 13.09 -13.13
C THR B 77 -5.63 12.47 -13.52
N ILE B 78 -5.67 11.52 -14.45
CA ILE B 78 -4.47 10.92 -15.03
C ILE B 78 -4.47 11.24 -16.50
N THR B 79 -3.52 12.03 -16.94
CA THR B 79 -3.37 12.30 -18.36
C THR B 79 -2.34 11.36 -18.94
N ASN B 80 -2.35 11.24 -20.26
CA ASN B 80 -1.41 10.40 -20.98
C ASN B 80 -1.24 9.04 -20.29
N LEU B 81 -2.37 8.35 -20.14
CA LEU B 81 -2.42 7.08 -19.42
C LEU B 81 -1.33 6.13 -19.90
N GLU B 82 -0.67 5.46 -18.97
CA GLU B 82 0.41 4.56 -19.32
C GLU B 82 0.13 3.15 -18.82
N GLN B 83 0.83 2.21 -19.46
CA GLN B 83 0.76 0.81 -19.10
C GLN B 83 0.94 0.59 -17.61
N GLU B 84 1.86 1.35 -16.99
CA GLU B 84 2.15 1.19 -15.56
C GLU B 84 1.04 1.71 -14.65
N ASP B 85 0.01 2.36 -15.19
CA ASP B 85 -1.06 2.93 -14.35
C ASP B 85 -2.17 1.94 -14.04
N ILE B 86 -2.09 0.71 -14.54
CA ILE B 86 -3.05 -0.32 -14.15
C ILE B 86 -2.95 -0.53 -12.65
N ALA B 87 -4.06 -0.32 -11.95
CA ALA B 87 -4.06 -0.21 -10.49
C ALA B 87 -5.46 0.15 -10.03
N THR B 88 -5.67 0.09 -8.71
CA THR B 88 -6.87 0.59 -8.07
C THR B 88 -6.51 1.84 -7.29
N TYR B 89 -7.34 2.87 -7.41
CA TYR B 89 -7.04 4.18 -6.85
C TYR B 89 -8.05 4.47 -5.74
N PHE B 90 -7.54 4.85 -4.57
CA PHE B 90 -8.34 5.06 -3.37
C PHE B 90 -8.19 6.50 -2.90
N CYS B 91 -9.31 7.16 -2.61
CA CYS B 91 -9.23 8.44 -1.90
C CYS B 91 -9.38 8.22 -0.40
N GLN B 92 -8.95 9.21 0.38
CA GLN B 92 -8.93 9.10 1.83
C GLN B 92 -9.00 10.49 2.46
N GLN B 93 -9.93 10.71 3.40
CA GLN B 93 -9.99 12.01 4.07
C GLN B 93 -9.10 12.00 5.30
N GLY B 94 -8.41 13.11 5.51
CA GLY B 94 -7.54 13.32 6.64
C GLY B 94 -8.02 14.51 7.45
N LYS B 95 -9.32 14.77 7.42
CA LYS B 95 -9.85 15.88 8.18
C LYS B 95 -10.00 15.53 9.65
N THR B 96 -10.49 14.33 9.95
CA THR B 96 -10.79 14.01 11.34
C THR B 96 -10.87 12.49 11.52
N LEU B 97 -10.63 12.05 12.74
CA LEU B 97 -10.81 10.63 13.07
C LEU B 97 -12.29 10.31 13.23
N PRO B 98 -12.72 9.09 12.84
CA PRO B 98 -11.87 8.06 12.24
C PRO B 98 -11.51 8.36 10.79
N LEU B 99 -10.27 8.09 10.40
CA LEU B 99 -9.90 8.21 9.01
C LEU B 99 -10.70 7.20 8.18
N THR B 100 -11.11 7.63 6.99
CA THR B 100 -12.00 6.84 6.16
C THR B 100 -11.55 6.95 4.71
N PHE B 101 -11.78 5.89 3.95
CA PHE B 101 -11.33 5.73 2.58
C PHE B 101 -12.54 5.51 1.67
N GLY B 102 -12.42 5.96 0.43
CA GLY B 102 -13.38 5.53 -0.57
C GLY B 102 -13.16 4.06 -0.92
N ALA B 103 -14.12 3.48 -1.64
CA ALA B 103 -14.05 2.05 -1.90
C ALA B 103 -13.10 1.66 -3.03
N GLY B 104 -12.56 2.61 -3.77
CA GLY B 104 -11.59 2.28 -4.80
C GLY B 104 -12.18 2.36 -6.19
N THR B 105 -11.36 2.79 -7.14
CA THR B 105 -11.72 2.77 -8.56
C THR B 105 -10.64 2.01 -9.32
N LYS B 106 -11.03 0.90 -9.95
CA LYS B 106 -10.09 0.05 -10.66
C LYS B 106 -9.90 0.55 -12.08
N LEU B 107 -8.64 0.66 -12.49
CA LEU B 107 -8.31 1.18 -13.81
C LEU B 107 -7.71 0.08 -14.66
N GLU B 108 -8.27 -0.12 -15.84
CA GLU B 108 -7.77 -1.10 -16.78
C GLU B 108 -7.60 -0.46 -18.16
N ILE B 109 -6.71 -1.03 -18.96
CA ILE B 109 -6.37 -0.47 -20.27
C ILE B 109 -7.25 -1.09 -21.34
N LYS B 110 -7.73 -0.26 -22.25
CA LYS B 110 -8.37 -0.73 -23.48
C LYS B 110 -7.30 -0.95 -24.54
N ARG B 111 -7.41 -2.08 -25.26
CA ARG B 111 -6.47 -2.42 -26.31
C ARG B 111 -7.23 -3.07 -27.46
N THR B 112 -6.52 -3.40 -28.52
CA THR B 112 -7.18 -4.05 -29.64
C THR B 112 -7.58 -5.48 -29.28
N ASP B 113 -8.58 -5.98 -29.99
CA ASP B 113 -9.07 -7.33 -29.74
C ASP B 113 -7.96 -8.36 -29.96
N ALA B 114 -8.01 -9.44 -29.19
CA ALA B 114 -7.00 -10.50 -29.29
C ALA B 114 -7.64 -11.85 -29.00
N ALA B 115 -7.46 -12.79 -29.92
CA ALA B 115 -8.02 -14.12 -29.75
C ALA B 115 -7.24 -14.90 -28.69
N PRO B 116 -7.91 -15.73 -27.90
CA PRO B 116 -7.17 -16.56 -26.94
C PRO B 116 -6.37 -17.64 -27.63
N THR B 117 -5.22 -17.95 -27.05
CA THR B 117 -4.46 -19.15 -27.41
C THR B 117 -4.88 -20.27 -26.45
N VAL B 118 -5.53 -21.31 -26.98
CA VAL B 118 -6.13 -22.35 -26.15
C VAL B 118 -5.27 -23.60 -26.20
N SER B 119 -5.03 -24.19 -25.03
CA SER B 119 -4.24 -25.43 -24.89
C SER B 119 -4.94 -26.34 -23.90
N ILE B 120 -4.95 -27.65 -24.17
CA ILE B 120 -5.63 -28.63 -23.33
C ILE B 120 -4.63 -29.68 -22.86
N PHE B 121 -4.80 -30.14 -21.62
CA PHE B 121 -3.84 -31.01 -20.97
C PHE B 121 -4.53 -32.18 -20.28
N PRO B 122 -4.12 -33.41 -20.55
CA PRO B 122 -4.70 -34.57 -19.89
C PRO B 122 -4.17 -34.71 -18.48
N PRO B 123 -4.82 -35.51 -17.65
CA PRO B 123 -4.29 -35.75 -16.30
C PRO B 123 -2.99 -36.54 -16.36
N SER B 124 -2.07 -36.21 -15.46
CA SER B 124 -0.83 -36.94 -15.36
C SER B 124 -1.05 -38.29 -14.67
N SER B 125 -0.12 -39.22 -14.92
CA SER B 125 -0.17 -40.49 -14.21
C SER B 125 -0.08 -40.28 -12.71
N GLU B 126 0.65 -39.25 -12.27
CA GLU B 126 0.73 -38.95 -10.85
C GLU B 126 -0.66 -38.73 -10.27
N GLN B 127 -1.47 -37.88 -10.93
CA GLN B 127 -2.77 -37.58 -10.34
C GLN B 127 -3.69 -38.78 -10.39
N LEU B 128 -3.60 -39.59 -11.45
CA LEU B 128 -4.45 -40.76 -11.56
C LEU B 128 -4.20 -41.73 -10.42
N THR B 129 -2.96 -41.80 -9.95
CA THR B 129 -2.64 -42.62 -8.79
C THR B 129 -3.34 -42.10 -7.54
N SER B 130 -3.52 -40.79 -7.42
CA SER B 130 -4.27 -40.22 -6.31
C SER B 130 -5.77 -40.45 -6.40
N GLY B 131 -6.26 -40.96 -7.52
CA GLY B 131 -7.68 -41.17 -7.71
C GLY B 131 -8.42 -40.00 -8.31
N GLY B 132 -7.72 -38.94 -8.69
CA GLY B 132 -8.35 -37.81 -9.35
C GLY B 132 -7.90 -37.70 -10.79
N ALA B 133 -8.68 -37.04 -11.64
CA ALA B 133 -8.28 -36.77 -13.01
C ALA B 133 -8.78 -35.38 -13.40
N SER B 134 -7.86 -34.44 -13.54
CA SER B 134 -8.18 -33.07 -13.93
C SER B 134 -7.72 -32.85 -15.38
N VAL B 135 -8.63 -32.37 -16.21
CA VAL B 135 -8.31 -31.96 -17.56
C VAL B 135 -8.26 -30.44 -17.53
N VAL B 136 -7.15 -29.86 -17.97
CA VAL B 136 -6.92 -28.43 -17.83
C VAL B 136 -6.92 -27.81 -19.21
N CYS B 137 -7.64 -26.70 -19.33
CA CYS B 137 -7.68 -25.88 -20.52
C CYS B 137 -7.19 -24.48 -20.16
N PHE B 138 -6.09 -24.05 -20.76
CA PHE B 138 -5.63 -22.68 -20.63
C PHE B 138 -6.14 -21.86 -21.81
N LEU B 139 -6.68 -20.68 -21.52
CA LEU B 139 -7.13 -19.76 -22.56
C LEU B 139 -6.40 -18.45 -22.33
N ASN B 140 -5.31 -18.23 -23.08
CA ASN B 140 -4.31 -17.26 -22.68
C ASN B 140 -4.27 -16.05 -23.60
N ASN B 141 -4.08 -14.87 -22.99
CA ASN B 141 -3.73 -13.62 -23.66
C ASN B 141 -4.79 -13.21 -24.68
N PHE B 142 -6.03 -13.09 -24.21
CA PHE B 142 -7.12 -12.63 -25.06
C PHE B 142 -7.63 -11.28 -24.57
N TYR B 143 -8.40 -10.62 -25.44
CA TYR B 143 -9.01 -9.34 -25.12
C TYR B 143 -10.17 -9.12 -26.07
N PRO B 144 -11.33 -8.62 -25.60
CA PRO B 144 -11.68 -8.23 -24.23
C PRO B 144 -11.83 -9.41 -23.26
N LYS B 145 -12.17 -9.10 -22.01
CA LYS B 145 -12.15 -10.11 -20.97
C LYS B 145 -13.31 -11.10 -21.08
N ASP B 146 -14.44 -10.68 -21.66
CA ASP B 146 -15.61 -11.55 -21.77
C ASP B 146 -15.28 -12.78 -22.61
N ILE B 147 -15.42 -13.98 -22.03
CA ILE B 147 -15.15 -15.21 -22.76
C ILE B 147 -16.05 -16.30 -22.19
N ASN B 148 -16.37 -17.30 -23.01
CA ASN B 148 -17.20 -18.41 -22.60
C ASN B 148 -16.49 -19.72 -22.88
N VAL B 149 -16.44 -20.61 -21.90
CA VAL B 149 -15.83 -21.92 -22.04
C VAL B 149 -16.88 -22.97 -21.78
N LYS B 150 -16.98 -23.92 -22.70
CA LYS B 150 -17.91 -25.03 -22.58
C LYS B 150 -17.11 -26.33 -22.69
N TRP B 151 -17.38 -27.27 -21.80
CA TRP B 151 -16.75 -28.58 -21.86
C TRP B 151 -17.72 -29.57 -22.46
N LYS B 152 -17.19 -30.49 -23.26
CA LYS B 152 -17.99 -31.62 -23.71
C LYS B 152 -17.19 -32.89 -23.49
N ILE B 153 -17.86 -33.91 -22.97
CA ILE B 153 -17.30 -35.23 -22.81
C ILE B 153 -18.07 -36.14 -23.76
N ASP B 154 -17.36 -36.75 -24.71
CA ASP B 154 -17.98 -37.68 -25.64
C ASP B 154 -19.20 -37.06 -26.30
N GLY B 155 -19.11 -35.76 -26.58
CA GLY B 155 -20.14 -35.04 -27.31
C GLY B 155 -21.17 -34.35 -26.44
N SER B 156 -21.20 -34.61 -25.14
CA SER B 156 -22.22 -34.06 -24.25
C SER B 156 -21.64 -32.95 -23.40
N GLU B 157 -22.36 -31.83 -23.33
CA GLU B 157 -21.95 -30.72 -22.50
C GLU B 157 -21.87 -31.15 -21.03
N ARG B 158 -20.81 -30.72 -20.37
CA ARG B 158 -20.53 -31.08 -18.98
C ARG B 158 -20.35 -29.81 -18.18
N GLN B 159 -21.15 -29.64 -17.13
CA GLN B 159 -21.04 -28.46 -16.27
C GLN B 159 -20.60 -28.77 -14.85
N ASN B 160 -20.91 -29.95 -14.35
CA ASN B 160 -20.48 -30.35 -13.02
C ASN B 160 -19.00 -30.69 -13.03
N GLY B 161 -18.26 -30.16 -12.06
CA GLY B 161 -16.85 -30.43 -11.92
C GLY B 161 -15.92 -29.44 -12.58
N VAL B 162 -16.46 -28.36 -13.16
CA VAL B 162 -15.65 -27.35 -13.84
C VAL B 162 -15.39 -26.19 -12.89
N LEU B 163 -14.11 -25.86 -12.69
CA LEU B 163 -13.72 -24.68 -11.93
C LEU B 163 -12.90 -23.77 -12.83
N ASN B 164 -13.22 -22.48 -12.80
CA ASN B 164 -12.60 -21.46 -13.64
C ASN B 164 -11.92 -20.40 -12.80
N SER B 165 -10.81 -19.87 -13.32
CA SER B 165 -10.02 -18.84 -12.67
C SER B 165 -9.49 -17.88 -13.72
N TRP B 166 -9.52 -16.57 -13.43
CA TRP B 166 -9.12 -15.55 -14.39
C TRP B 166 -8.00 -14.68 -13.82
N THR B 167 -6.95 -14.48 -14.60
CA THR B 167 -5.89 -13.58 -14.15
C THR B 167 -6.35 -12.11 -14.21
N ASP B 168 -5.64 -11.26 -13.48
CA ASP B 168 -5.77 -9.82 -13.68
C ASP B 168 -5.19 -9.41 -15.02
N GLN B 169 -5.48 -8.18 -15.44
CA GLN B 169 -5.00 -7.71 -16.74
C GLN B 169 -3.49 -7.70 -16.79
N ASP B 170 -2.92 -8.33 -17.82
CA ASP B 170 -1.48 -8.41 -17.96
C ASP B 170 -0.88 -7.00 -18.04
N SER B 171 0.11 -6.74 -17.18
CA SER B 171 0.71 -5.42 -17.12
C SER B 171 1.53 -5.09 -18.37
N LYS B 172 1.92 -6.10 -19.15
CA LYS B 172 2.77 -5.82 -20.30
C LYS B 172 1.98 -5.69 -21.59
N ASP B 173 1.01 -6.57 -21.85
CA ASP B 173 0.28 -6.49 -23.12
C ASP B 173 -1.22 -6.24 -22.97
N SER B 174 -1.71 -6.00 -21.75
CA SER B 174 -3.09 -5.63 -21.47
C SER B 174 -4.09 -6.74 -21.80
N THR B 175 -3.64 -7.99 -21.93
CA THR B 175 -4.53 -9.10 -22.18
C THR B 175 -4.94 -9.78 -20.88
N TYR B 176 -5.93 -10.66 -20.99
CA TYR B 176 -6.40 -11.50 -19.90
C TYR B 176 -6.16 -12.95 -20.26
N SER B 177 -6.14 -13.80 -19.24
CA SER B 177 -5.97 -15.22 -19.44
C SER B 177 -6.92 -15.94 -18.50
N MET B 178 -7.26 -17.17 -18.86
CA MET B 178 -8.23 -17.93 -18.10
C MET B 178 -7.81 -19.38 -18.07
N SER B 179 -8.01 -20.03 -16.92
CA SER B 179 -7.79 -21.46 -16.75
C SER B 179 -9.12 -22.09 -16.39
N SER B 180 -9.46 -23.18 -17.10
CA SER B 180 -10.68 -23.93 -16.85
C SER B 180 -10.28 -25.38 -16.59
N THR B 181 -10.72 -25.91 -15.46
CA THR B 181 -10.31 -27.24 -15.00
C THR B 181 -11.54 -28.11 -14.80
N LEU B 182 -11.63 -29.19 -15.57
CA LEU B 182 -12.66 -30.21 -15.40
C LEU B 182 -12.06 -31.35 -14.59
N THR B 183 -12.53 -31.54 -13.37
CA THR B 183 -12.00 -32.58 -12.51
C THR B 183 -13.04 -33.67 -12.29
N LEU B 184 -12.67 -34.88 -12.65
CA LEU B 184 -13.44 -36.10 -12.46
C LEU B 184 -12.67 -37.01 -11.50
N THR B 185 -13.35 -38.05 -11.05
CA THR B 185 -12.61 -39.13 -10.42
C THR B 185 -11.85 -39.91 -11.49
N LYS B 186 -10.78 -40.59 -11.07
CA LYS B 186 -10.05 -41.46 -12.00
C LYS B 186 -11.01 -42.41 -12.70
N ASP B 187 -11.92 -43.02 -11.95
CA ASP B 187 -12.80 -44.04 -12.52
C ASP B 187 -13.75 -43.43 -13.55
N GLU B 188 -14.38 -42.29 -13.23
CA GLU B 188 -15.24 -41.67 -14.22
C GLU B 188 -14.46 -41.30 -15.47
N TYR B 189 -13.27 -40.71 -15.28
CA TYR B 189 -12.41 -40.35 -16.40
C TYR B 189 -12.16 -41.53 -17.34
N GLU B 190 -11.94 -42.72 -16.76
CA GLU B 190 -11.68 -43.89 -17.58
C GLU B 190 -12.95 -44.46 -18.20
N ARG B 191 -14.12 -43.91 -17.86
CA ARG B 191 -15.38 -44.31 -18.47
C ARG B 191 -15.68 -43.53 -19.75
N HIS B 192 -14.88 -42.52 -20.09
CA HIS B 192 -15.15 -41.68 -21.25
C HIS B 192 -13.92 -41.63 -22.16
N ASN B 193 -14.09 -41.03 -23.34
CA ASN B 193 -13.03 -41.01 -24.34
C ASN B 193 -12.53 -39.60 -24.65
N SER B 194 -13.38 -38.72 -25.16
CA SER B 194 -12.93 -37.42 -25.65
C SER B 194 -13.35 -36.34 -24.67
N TYR B 195 -12.38 -35.47 -24.34
CA TYR B 195 -12.55 -34.35 -23.42
C TYR B 195 -12.23 -33.09 -24.20
N THR B 196 -13.21 -32.21 -24.36
CA THR B 196 -13.11 -31.11 -25.30
C THR B 196 -13.43 -29.79 -24.63
N CYS B 197 -12.51 -28.83 -24.78
CA CYS B 197 -12.64 -27.45 -24.31
C CYS B 197 -13.05 -26.60 -25.52
N GLU B 198 -14.17 -25.87 -25.41
CA GLU B 198 -14.60 -25.00 -26.49
C GLU B 198 -14.70 -23.58 -25.97
N ALA B 199 -14.03 -22.65 -26.64
CA ALA B 199 -13.98 -21.26 -26.20
C ALA B 199 -14.70 -20.39 -27.21
N THR B 200 -15.68 -19.62 -26.72
CA THR B 200 -16.37 -18.65 -27.55
C THR B 200 -15.93 -17.26 -27.12
N HIS B 201 -15.50 -16.45 -28.08
CA HIS B 201 -14.94 -15.14 -27.84
C HIS B 201 -15.31 -14.27 -29.04
N LYS B 202 -15.40 -12.96 -28.81
CA LYS B 202 -15.89 -12.09 -29.88
C LYS B 202 -14.95 -12.05 -31.08
N THR B 203 -13.68 -12.48 -30.93
CA THR B 203 -12.74 -12.44 -32.05
C THR B 203 -13.09 -13.42 -33.16
N SER B 204 -13.89 -14.45 -32.88
CA SER B 204 -14.24 -15.43 -33.90
C SER B 204 -15.68 -15.86 -33.73
N THR B 205 -16.37 -16.08 -34.85
CA THR B 205 -17.74 -16.56 -34.78
C THR B 205 -17.80 -18.07 -34.57
N SER B 206 -16.71 -18.78 -34.85
CA SER B 206 -16.63 -20.20 -34.53
C SER B 206 -15.94 -20.39 -33.18
N PRO B 207 -16.36 -21.39 -32.40
CA PRO B 207 -15.63 -21.71 -31.18
C PRO B 207 -14.24 -22.20 -31.52
N ILE B 208 -13.29 -21.88 -30.64
CA ILE B 208 -11.97 -22.47 -30.68
C ILE B 208 -12.05 -23.79 -29.90
N VAL B 209 -11.80 -24.89 -30.59
CA VAL B 209 -12.03 -26.23 -30.06
C VAL B 209 -10.69 -26.92 -29.84
N LYS B 210 -10.38 -27.26 -28.60
CA LYS B 210 -9.24 -28.12 -28.28
C LYS B 210 -9.72 -29.38 -27.60
N SER B 211 -9.12 -30.52 -27.95
CA SER B 211 -9.65 -31.79 -27.48
C SER B 211 -8.52 -32.78 -27.18
N PHE B 212 -8.77 -33.64 -26.19
CA PHE B 212 -7.86 -34.73 -25.86
C PHE B 212 -8.66 -36.02 -25.85
N ASN B 213 -8.16 -37.07 -26.49
CA ASN B 213 -8.79 -38.38 -26.42
C ASN B 213 -7.97 -39.33 -25.53
N ARG B 214 -8.62 -39.92 -24.52
CA ARG B 214 -7.93 -40.82 -23.60
C ARG B 214 -7.31 -42.02 -24.33
N ASN B 215 -7.87 -42.42 -25.47
CA ASN B 215 -7.23 -43.44 -26.30
C ASN B 215 -6.10 -42.76 -27.06
N GLU B 216 -4.91 -42.78 -26.46
CA GLU B 216 -3.82 -41.89 -26.83
C GLU B 216 -2.81 -42.54 -27.77
N GLU C 1 12.82 35.93 36.60
CA GLU C 1 11.57 36.30 35.94
C GLU C 1 11.83 36.79 34.51
N LEU C 2 12.52 37.92 34.40
CA LEU C 2 12.77 38.51 33.08
C LEU C 2 13.68 37.60 32.25
N PRO C 3 13.48 37.57 30.94
CA PRO C 3 14.18 36.57 30.12
C PRO C 3 15.67 36.81 30.03
N SER C 4 16.41 35.70 29.97
CA SER C 4 17.85 35.70 29.74
C SER C 4 18.18 34.81 28.55
N LEU C 5 19.21 35.20 27.81
CA LEU C 5 19.56 34.63 26.52
C LEU C 5 21.00 34.18 26.53
N CYS C 6 21.32 33.25 25.62
CA CYS C 6 22.71 32.87 25.43
C CYS C 6 22.85 32.16 24.09
N MET C 7 24.09 32.13 23.60
CA MET C 7 24.43 31.60 22.30
C MET C 7 25.39 30.43 22.48
N LEU C 8 24.91 29.21 22.19
CA LEU C 8 25.77 28.04 22.27
C LEU C 8 26.80 28.04 21.15
N ASN C 9 26.34 28.12 19.90
CA ASN C 9 27.26 28.12 18.76
C ASN C 9 26.60 28.89 17.61
N ASN C 10 27.00 28.60 16.38
CA ASN C 10 26.58 29.38 15.22
C ASN C 10 25.13 29.16 14.84
N SER C 11 24.49 28.12 15.36
CA SER C 11 23.10 27.86 15.03
C SER C 11 22.21 27.59 16.25
N PHE C 12 22.78 27.52 17.45
CA PHE C 12 22.03 27.15 18.66
C PHE C 12 22.01 28.32 19.63
N TYR C 13 20.80 28.73 20.02
CA TYR C 13 20.56 29.77 21.00
C TYR C 13 19.54 29.25 22.00
N TYR C 14 19.51 29.86 23.19
CA TYR C 14 18.50 29.50 24.19
C TYR C 14 17.98 30.75 24.85
N MET C 15 16.73 30.68 25.28
CA MET C 15 16.12 31.71 26.09
C MET C 15 15.51 31.07 27.33
N LYS C 16 15.81 31.63 28.49
CA LYS C 16 15.13 31.25 29.73
C LYS C 16 14.10 32.32 30.05
N GLY C 17 12.87 31.89 30.27
CA GLY C 17 11.79 32.80 30.63
C GLY C 17 10.90 32.22 31.70
N GLY C 18 10.94 32.79 32.89
CA GLY C 18 10.25 32.16 34.00
C GLY C 18 10.90 30.82 34.31
N ALA C 19 10.06 29.80 34.48
CA ALA C 19 10.53 28.44 34.76
C ALA C 19 10.77 27.62 33.49
N ASN C 20 10.66 28.24 32.31
CA ASN C 20 10.77 27.53 31.05
C ASN C 20 12.04 27.94 30.30
N ILE C 21 12.57 27.01 29.51
CA ILE C 21 13.72 27.26 28.65
C ILE C 21 13.33 26.89 27.22
N PHE C 22 13.83 27.66 26.25
CA PHE C 22 13.48 27.45 24.85
C PHE C 22 14.73 27.31 24.01
N LEU C 23 14.72 26.32 23.13
CA LEU C 23 15.75 26.16 22.13
C LEU C 23 15.41 27.02 20.93
N ILE C 24 16.35 27.87 20.54
CA ILE C 24 16.19 28.72 19.36
C ILE C 24 17.28 28.34 18.37
N ARG C 25 16.87 27.93 17.17
CA ARG C 25 17.82 27.54 16.12
C ARG C 25 17.54 28.31 14.84
N VAL C 26 18.61 28.72 14.17
CA VAL C 26 18.56 29.37 12.86
C VAL C 26 19.18 28.40 11.85
N SER C 27 18.39 27.98 10.87
CA SER C 27 18.88 27.03 9.89
C SER C 27 17.97 27.08 8.66
N ASP C 28 18.33 26.29 7.64
CA ASP C 28 17.55 26.18 6.42
C ASP C 28 16.63 24.96 6.42
N VAL C 29 16.27 24.47 7.61
CA VAL C 29 15.44 23.28 7.75
C VAL C 29 14.10 23.68 8.33
N SER C 30 13.01 23.24 7.69
CA SER C 30 11.67 23.43 8.22
C SER C 30 10.88 22.14 8.09
N VAL C 31 10.11 21.81 9.13
CA VAL C 31 9.20 20.66 9.10
C VAL C 31 7.74 21.11 9.16
N LEU C 32 7.47 22.40 9.11
CA LEU C 32 6.11 22.91 9.13
C LEU C 32 5.65 23.34 7.74
N MET C 33 4.35 23.26 7.52
CA MET C 33 3.73 23.62 6.26
C MET C 33 2.47 24.41 6.53
N LYS C 34 2.27 25.51 5.79
CA LYS C 34 1.04 26.29 5.93
C LYS C 34 -0.19 25.44 5.63
N GLU C 35 -0.05 24.40 4.80
CA GLU C 35 -1.17 23.51 4.50
C GLU C 35 -1.67 22.76 5.74
N TYR C 36 -0.81 22.47 6.71
CA TYR C 36 -1.17 21.56 7.81
C TYR C 36 -1.08 22.17 9.19
N ASP C 37 -0.27 23.20 9.39
CA ASP C 37 0.08 23.66 10.72
C ASP C 37 -0.60 25.01 10.98
N VAL C 38 -0.31 25.61 12.13
CA VAL C 38 -1.05 26.75 12.64
C VAL C 38 -0.35 28.04 12.23
N SER C 39 -1.07 28.92 11.54
CA SER C 39 -0.60 30.28 11.27
C SER C 39 -0.93 31.17 12.47
N VAL C 40 0.05 31.92 12.95
CA VAL C 40 -0.11 32.72 14.16
C VAL C 40 -0.36 34.15 13.71
N TYR C 41 -1.63 34.53 13.62
CA TYR C 41 -1.97 35.85 13.07
C TYR C 41 -1.86 36.96 14.11
N GLU C 42 -2.21 36.67 15.36
CA GLU C 42 -2.17 37.64 16.42
C GLU C 42 -1.55 36.98 17.64
N PRO C 43 -1.12 37.78 18.64
CA PRO C 43 -0.38 37.17 19.76
C PRO C 43 -1.17 36.14 20.53
N GLU C 44 -2.49 36.31 20.61
CA GLU C 44 -3.34 35.34 21.27
C GLU C 44 -3.25 33.95 20.63
N ASP C 45 -2.92 33.91 19.32
CA ASP C 45 -2.75 32.62 18.65
C ASP C 45 -1.52 31.87 19.13
N LEU C 46 -0.57 32.55 19.78
CA LEU C 46 0.54 31.80 20.35
C LEU C 46 0.06 30.78 21.37
N GLY C 47 -1.15 30.95 21.93
CA GLY C 47 -1.70 29.96 22.83
C GLY C 47 -1.94 28.62 22.18
N ASN C 48 -2.14 28.58 20.85
CA ASN C 48 -2.29 27.32 20.11
C ASN C 48 -0.96 26.63 19.88
N CYS C 49 0.15 27.29 20.19
CA CYS C 49 1.48 26.76 19.91
C CYS C 49 2.15 26.14 21.13
N LEU C 50 1.66 26.46 22.33
CA LEU C 50 2.32 26.12 23.58
C LEU C 50 1.27 25.67 24.59
N ASN C 51 1.59 24.60 25.33
CA ASN C 51 0.66 24.13 26.36
C ASN C 51 0.64 25.08 27.54
N LYS C 52 1.80 25.35 28.12
CA LYS C 52 1.87 26.14 29.33
C LYS C 52 1.55 27.59 29.02
N SER C 53 0.67 28.19 29.82
CA SER C 53 0.35 29.59 29.63
C SER C 53 1.53 30.48 30.00
N ASP C 54 2.34 30.06 30.97
CA ASP C 54 3.46 30.87 31.41
C ASP C 54 4.49 31.05 30.30
N SER C 55 4.69 30.02 29.48
CA SER C 55 5.66 30.12 28.40
C SER C 55 5.21 31.04 27.27
N SER C 56 3.96 31.50 27.28
CA SER C 56 3.47 32.22 26.11
C SER C 56 3.98 33.66 26.07
N TRP C 57 4.04 34.33 27.22
CA TRP C 57 4.41 35.76 27.22
C TRP C 57 5.86 35.95 26.83
N ALA C 58 6.72 34.97 27.15
CA ALA C 58 8.12 35.07 26.75
C ALA C 58 8.27 35.06 25.24
N ILE C 59 7.54 34.17 24.57
CA ILE C 59 7.56 34.10 23.12
C ILE C 59 6.97 35.37 22.52
N HIS C 60 5.89 35.87 23.13
CA HIS C 60 5.32 37.13 22.68
C HIS C 60 6.34 38.25 22.79
N TRP C 61 7.03 38.35 23.94
CA TRP C 61 8.07 39.36 24.07
C TRP C 61 9.19 39.14 23.06
N PHE C 62 9.63 37.89 22.91
CA PHE C 62 10.72 37.58 22.00
C PHE C 62 10.39 38.05 20.58
N SER C 63 9.18 37.74 20.11
CA SER C 63 8.79 38.14 18.76
C SER C 63 8.80 39.66 18.61
N ILE C 64 8.28 40.38 19.61
CA ILE C 64 8.35 41.84 19.57
C ILE C 64 9.81 42.30 19.53
N ALA C 65 10.65 41.74 20.42
CA ALA C 65 12.05 42.13 20.46
C ALA C 65 12.77 41.84 19.15
N LEU C 66 12.33 40.83 18.40
CA LEU C 66 12.93 40.58 17.10
C LEU C 66 12.53 41.62 16.07
N GLY C 67 11.46 42.37 16.32
CA GLY C 67 10.96 43.34 15.37
C GLY C 67 9.77 42.90 14.56
N HIS C 68 9.17 41.77 14.89
CA HIS C 68 8.02 41.27 14.16
C HIS C 68 6.82 42.20 14.34
N ASP C 69 6.15 42.53 13.24
CA ASP C 69 4.98 43.39 13.26
C ASP C 69 3.74 42.52 13.09
N TRP C 70 2.94 42.43 14.16
CA TRP C 70 1.80 41.52 14.15
C TRP C 70 0.73 41.96 13.16
N LEU C 71 0.67 43.26 12.87
CA LEU C 71 -0.34 43.77 11.95
C LEU C 71 0.08 43.62 10.48
N MET C 72 1.37 43.75 10.19
CA MET C 72 1.82 43.85 8.80
C MET C 72 2.74 42.72 8.33
N ASP C 73 3.42 42.04 9.22
CA ASP C 73 4.37 41.03 8.78
C ASP C 73 3.66 39.70 8.53
N PRO C 74 4.27 38.80 7.77
CA PRO C 74 3.64 37.51 7.54
C PRO C 74 3.48 36.76 8.84
N PRO C 75 2.45 35.92 8.95
CA PRO C 75 2.24 35.16 10.19
C PRO C 75 3.38 34.17 10.43
N MET C 76 3.69 33.98 11.71
CA MET C 76 4.50 32.84 12.07
C MET C 76 3.71 31.54 11.87
N LEU C 77 4.45 30.43 11.79
CA LEU C 77 3.88 29.09 11.72
C LEU C 77 4.26 28.35 12.99
N CYS C 78 3.32 27.59 13.56
CA CYS C 78 3.66 26.75 14.69
C CYS C 78 2.91 25.43 14.59
N ARG C 79 3.47 24.40 15.25
CA ARG C 79 2.76 23.15 15.41
C ARG C 79 1.70 23.27 16.49
N ASN C 80 0.51 22.77 16.19
CA ASN C 80 -0.60 22.77 17.13
C ASN C 80 -0.19 22.05 18.42
N LYS C 81 -0.43 22.70 19.56
CA LYS C 81 -0.05 22.13 20.85
C LYS C 81 -0.72 20.80 21.13
N THR C 82 -1.81 20.47 20.44
CA THR C 82 -2.47 19.20 20.67
C THR C 82 -1.72 18.02 20.05
N LYS C 83 -0.74 18.27 19.19
CA LYS C 83 -0.04 17.19 18.52
C LYS C 83 1.04 16.61 19.43
N LYS C 84 1.45 15.38 19.10
CA LYS C 84 2.44 14.65 19.89
C LYS C 84 3.84 15.24 19.80
N GLU C 85 4.17 15.86 18.67
CA GLU C 85 5.59 16.09 18.37
C GLU C 85 6.19 17.24 19.15
N GLY C 86 5.38 18.15 19.68
CA GLY C 86 5.88 19.19 20.54
C GLY C 86 5.95 20.54 19.86
N SER C 87 6.20 21.56 20.68
CA SER C 87 6.21 22.93 20.23
C SER C 87 7.26 23.17 19.13
N ASN C 88 6.88 24.00 18.17
CA ASN C 88 7.78 24.37 17.08
C ASN C 88 7.19 25.66 16.51
N ILE C 89 7.79 26.81 16.86
CA ILE C 89 7.35 28.12 16.38
C ILE C 89 8.41 28.66 15.42
N GLN C 90 7.96 29.08 14.24
CA GLN C 90 8.87 29.27 13.11
C GLN C 90 8.67 30.64 12.48
N PHE C 91 9.76 31.39 12.35
CA PHE C 91 9.83 32.61 11.57
C PHE C 91 10.51 32.30 10.24
N ASN C 92 9.88 32.70 9.13
CA ASN C 92 10.46 32.49 7.80
C ASN C 92 11.33 33.70 7.43
N ILE C 93 12.65 33.54 7.46
CA ILE C 93 13.53 34.68 7.24
C ILE C 93 14.38 34.49 5.98
N SER C 94 13.86 33.70 5.03
CA SER C 94 14.59 33.37 3.82
C SER C 94 15.10 34.61 3.09
N LYS C 95 16.35 34.55 2.63
CA LYS C 95 16.89 35.58 1.75
C LYS C 95 16.36 35.33 0.32
N ALA C 96 15.06 35.47 0.18
CA ALA C 96 14.39 35.30 -1.10
C ALA C 96 13.27 36.33 -1.17
N ASP C 97 12.60 36.36 -2.31
CA ASP C 97 11.49 37.30 -2.49
C ASP C 97 10.35 36.95 -1.54
N GLU C 98 9.61 37.98 -1.14
CA GLU C 98 8.49 37.94 -0.20
C GLU C 98 8.94 37.81 1.25
N SER C 99 10.24 37.67 1.51
CA SER C 99 10.74 37.60 2.88
C SER C 99 12.10 38.26 3.02
N ARG C 100 12.57 38.97 1.99
CA ARG C 100 13.91 39.55 2.03
C ARG C 100 13.98 40.67 3.06
N VAL C 101 13.04 41.61 3.01
CA VAL C 101 13.07 42.70 3.98
C VAL C 101 12.75 42.17 5.37
N TYR C 102 11.71 41.33 5.47
CA TYR C 102 11.36 40.73 6.75
C TYR C 102 12.56 40.00 7.34
N GLY C 103 13.22 39.19 6.53
CA GLY C 103 14.32 38.38 7.02
C GLY C 103 15.47 39.20 7.58
N LYS C 104 15.81 40.29 6.90
CA LYS C 104 16.88 41.16 7.40
C LYS C 104 16.48 41.81 8.72
N LYS C 105 15.22 42.22 8.84
CA LYS C 105 14.75 42.83 10.08
C LYS C 105 14.86 41.85 11.26
N ILE C 106 14.48 40.58 11.03
CA ILE C 106 14.52 39.60 12.10
C ILE C 106 15.97 39.27 12.46
N ARG C 107 16.84 39.15 11.44
CA ARG C 107 18.26 38.95 11.70
C ARG C 107 18.86 40.11 12.49
N ASN C 108 18.50 41.35 12.14
CA ASN C 108 18.94 42.49 12.92
C ASN C 108 18.40 42.43 14.34
N GLY C 109 17.18 41.90 14.52
CA GLY C 109 16.70 41.65 15.86
C GLY C 109 17.56 40.63 16.59
N MET C 110 18.02 39.61 15.89
CA MET C 110 18.91 38.63 16.52
C MET C 110 20.23 39.27 16.90
N ARG C 111 20.79 40.10 16.03
CA ARG C 111 22.04 40.81 16.36
C ARG C 111 21.88 41.70 17.58
N HIS C 112 20.69 42.28 17.76
CA HIS C 112 20.47 43.15 18.92
C HIS C 112 20.33 42.33 20.20
N LEU C 113 19.86 41.09 20.11
CA LEU C 113 19.67 40.25 21.28
C LEU C 113 20.90 39.39 21.58
N PHE C 114 21.61 38.94 20.56
CA PHE C 114 22.85 38.19 20.72
C PHE C 114 23.94 38.90 19.93
N ARG C 115 24.94 39.43 20.63
CA ARG C 115 26.02 40.15 19.95
C ARG C 115 26.80 39.22 19.02
N GLY C 116 26.99 37.96 19.43
CA GLY C 116 27.75 37.01 18.65
C GLY C 116 26.96 36.32 17.56
N PHE C 117 25.74 36.78 17.27
CA PHE C 117 24.87 36.13 16.32
C PHE C 117 25.57 35.91 14.98
N TYR C 118 25.39 34.72 14.42
CA TYR C 118 25.96 34.32 13.15
C TYR C 118 24.82 34.13 12.15
N ASP C 119 24.96 34.74 10.97
CA ASP C 119 23.97 34.61 9.92
C ASP C 119 24.34 33.44 9.03
N PRO C 120 23.56 32.36 9.01
CA PRO C 120 23.83 31.25 8.07
C PRO C 120 22.95 31.23 6.84
N CYS C 121 22.15 32.27 6.59
CA CYS C 121 21.16 32.25 5.52
C CYS C 121 21.83 32.55 4.19
N GLU C 122 21.74 31.61 3.26
CA GLU C 122 22.32 31.77 1.93
C GLU C 122 21.30 32.47 1.01
N GLU C 123 21.81 33.35 0.16
CA GLU C 123 20.93 34.11 -0.72
C GLU C 123 20.18 33.18 -1.66
N GLY C 124 18.90 33.45 -1.86
CA GLY C 124 18.06 32.64 -2.73
C GLY C 124 17.67 31.28 -2.19
N LYS C 125 17.84 31.05 -0.89
CA LYS C 125 17.49 29.78 -0.27
C LYS C 125 16.60 30.05 0.95
N VAL C 126 15.93 28.99 1.42
CA VAL C 126 15.08 29.14 2.59
C VAL C 126 15.95 29.28 3.84
N CYS C 127 15.41 29.95 4.86
CA CYS C 127 16.09 30.14 6.12
C CYS C 127 15.02 30.41 7.18
N TYR C 128 15.24 29.90 8.40
CA TYR C 128 14.21 29.95 9.42
C TYR C 128 14.81 30.23 10.80
N VAL C 129 14.01 30.88 11.65
CA VAL C 129 14.24 30.87 13.09
C VAL C 129 13.21 29.91 13.69
N THR C 130 13.69 28.89 14.39
CA THR C 130 12.83 27.87 14.96
C THR C 130 12.95 27.88 16.48
N ILE C 131 11.80 27.86 17.16
CA ILE C 131 11.73 27.83 18.62
C ILE C 131 11.05 26.53 19.06
N ASN C 132 11.71 25.77 19.93
CA ASN C 132 11.10 24.64 20.60
C ASN C 132 11.23 24.83 22.11
N GLN C 133 10.18 24.49 22.84
CA GLN C 133 10.28 24.55 24.29
C GLN C 133 11.05 23.33 24.79
N CYS C 134 12.08 23.57 25.60
CA CYS C 134 12.82 22.50 26.26
C CYS C 134 11.89 21.56 27.00
N GLY C 135 12.01 20.26 26.71
CA GLY C 135 11.19 19.25 27.33
C GLY C 135 10.15 18.66 26.41
N ASP C 136 9.78 19.38 25.36
CA ASP C 136 8.97 18.78 24.33
C ASP C 136 9.82 17.84 23.48
N PRO C 137 9.22 16.79 22.90
CA PRO C 137 9.98 15.90 22.00
C PRO C 137 10.72 16.66 20.90
N SER C 138 10.17 17.79 20.48
CA SER C 138 10.77 18.61 19.42
C SER C 138 12.10 19.25 19.83
N SER C 139 12.42 19.29 21.13
CA SER C 139 13.72 19.77 21.55
C SER C 139 14.76 18.66 21.63
N PHE C 140 14.34 17.41 21.43
CA PHE C 140 15.18 16.21 21.40
C PHE C 140 16.07 16.19 22.65
N GLU C 141 17.38 16.01 22.54
CA GLU C 141 18.24 15.96 23.71
C GLU C 141 18.98 17.28 23.92
N TYR C 142 18.64 18.32 23.15
CA TYR C 142 19.41 19.55 23.16
C TYR C 142 19.17 20.42 24.40
N CYS C 143 18.27 20.03 25.30
CA CYS C 143 18.06 20.75 26.54
C CYS C 143 18.49 19.95 27.77
N GLY C 144 19.18 18.82 27.56
CA GLY C 144 19.85 18.18 28.67
C GLY C 144 20.84 19.12 29.33
N THR C 145 21.11 18.89 30.62
CA THR C 145 21.96 19.83 31.34
C THR C 145 23.40 19.82 30.83
N ASN C 146 23.79 18.81 30.03
CA ASN C 146 25.12 18.86 29.43
C ASN C 146 25.23 19.99 28.41
N TYR C 147 24.12 20.39 27.79
CA TYR C 147 24.10 21.54 26.89
C TYR C 147 23.87 22.86 27.64
N LEU C 148 22.84 22.91 28.50
CA LEU C 148 22.50 24.15 29.18
C LEU C 148 23.62 24.67 30.06
N SER C 149 24.40 23.77 30.67
CA SER C 149 25.47 24.22 31.55
C SER C 149 26.58 24.92 30.78
N LYS C 150 26.78 24.55 29.51
CA LYS C 150 27.81 25.23 28.71
C LYS C 150 27.38 26.64 28.36
N CYS C 151 26.07 26.87 28.26
CA CYS C 151 25.59 28.21 27.91
C CYS C 151 25.72 29.17 29.07
N GLN C 152 25.35 28.73 30.27
CA GLN C 152 25.47 29.55 31.47
C GLN C 152 26.49 28.96 32.44
C1 NAG D . 9.55 30.32 3.57
C2 NAG D . 8.63 29.20 3.07
C3 NAG D . 9.13 28.63 1.74
C4 NAG D . 9.47 29.73 0.73
C5 NAG D . 10.36 30.79 1.37
C6 NAG D . 10.69 31.96 0.46
C7 NAG D . 7.35 27.71 4.54
C8 NAG D . 7.44 26.60 5.56
N2 NAG D . 8.52 28.15 4.06
O3 NAG D . 8.14 27.76 1.21
O4 NAG D . 10.16 29.12 -0.35
O5 NAG D . 9.73 31.32 2.53
O6 NAG D . 9.53 32.68 0.03
O7 NAG D . 6.28 28.18 4.19
C1 NAG D . 9.53 29.47 -1.59
C2 NAG D . 10.43 28.93 -2.72
C3 NAG D . 9.78 29.18 -4.08
C4 NAG D . 8.32 28.72 -4.08
C5 NAG D . 7.59 29.35 -2.90
C6 NAG D . 6.13 28.94 -2.80
C7 NAG D . 12.82 28.92 -2.15
C8 NAG D . 14.09 29.72 -2.17
N2 NAG D . 11.74 29.53 -2.65
O3 NAG D . 10.51 28.49 -5.09
O4 NAG D . 7.70 29.14 -5.29
O5 NAG D . 8.23 28.92 -1.70
O6 NAG D . 6.00 27.54 -2.61
O7 NAG D . 12.78 27.77 -1.73
C1 BMA D . 7.15 27.96 -5.92
C2 BMA D . 6.61 28.36 -7.29
C3 BMA D . 6.04 27.11 -7.96
C4 BMA D . 7.04 25.90 -7.90
C5 BMA D . 7.60 25.73 -6.46
C6 BMA D . 8.70 24.68 -6.38
O2 BMA D . 7.64 28.91 -8.12
O3 BMA D . 5.65 27.38 -9.30
O4 BMA D . 6.40 24.71 -8.32
O5 BMA D . 8.15 26.97 -6.05
O6 BMA D . 9.62 25.00 -7.40
C1 MAN D . 10.59 23.93 -7.57
C2 MAN D . 11.62 24.44 -8.62
C3 MAN D . 10.97 24.50 -10.00
C4 MAN D . 10.35 23.12 -10.35
C5 MAN D . 9.33 22.72 -9.26
C6 MAN D . 8.76 21.33 -9.48
O2 MAN D . 12.74 23.54 -8.74
O3 MAN D . 11.88 24.95 -11.00
O4 MAN D . 9.70 23.16 -11.62
O5 MAN D . 9.97 22.72 -7.96
O6 MAN D . 9.86 20.43 -9.54
C1 MAN D . 9.40 19.15 -10.03
C2 MAN D . 10.58 18.17 -9.84
C3 MAN D . 11.71 18.49 -10.86
C4 MAN D . 11.19 18.56 -12.30
C5 MAN D . 10.00 19.54 -12.40
C6 MAN D . 9.33 19.53 -13.77
O2 MAN D . 10.16 16.82 -10.07
O3 MAN D . 12.80 17.58 -10.78
O4 MAN D . 12.25 18.95 -13.18
O5 MAN D . 8.99 19.21 -11.40
O6 MAN D . 8.75 18.23 -13.98
C1 MAN D . 10.08 16.13 -8.80
C2 MAN D . 10.10 14.63 -9.10
C3 MAN D . 8.86 14.25 -9.91
C4 MAN D . 7.56 14.74 -9.22
C5 MAN D . 7.66 16.23 -8.83
C6 MAN D . 6.52 16.70 -7.94
O2 MAN D . 10.00 13.88 -7.89
O3 MAN D . 8.80 12.84 -10.17
O4 MAN D . 6.48 14.59 -10.12
O5 MAN D . 8.90 16.48 -8.11
O6 MAN D . 6.45 15.86 -6.78
C1 MAN D . 12.06 26.38 -10.90
C2 MAN D . 11.34 27.02 -12.10
C3 MAN D . 12.06 26.63 -13.40
C4 MAN D . 13.58 26.89 -13.32
C5 MAN D . 14.18 26.26 -12.05
C6 MAN D . 15.64 26.61 -11.84
O2 MAN D . 11.36 28.45 -12.04
O3 MAN D . 11.49 27.28 -14.53
O4 MAN D . 14.25 26.34 -14.46
O5 MAN D . 13.43 26.71 -10.88
O6 MAN D . 16.14 25.79 -10.79
C1 MAN D . 4.24 27.11 -9.45
C2 MAN D . 3.96 26.99 -10.99
C3 MAN D . 4.08 28.38 -11.63
C4 MAN D . 3.24 29.40 -10.90
C5 MAN D . 3.61 29.44 -9.43
C6 MAN D . 2.75 30.43 -8.63
O2 MAN D . 2.63 26.55 -11.24
O3 MAN D . 3.73 28.40 -13.01
O4 MAN D . 3.50 30.68 -11.45
O5 MAN D . 3.44 28.11 -8.84
O6 MAN D . 3.28 30.49 -7.30
C1 MAN D . 2.52 25.15 -10.94
C2 MAN D . 1.63 24.54 -12.03
C3 MAN D . 0.19 25.08 -11.89
C4 MAN D . -0.35 24.91 -10.44
C5 MAN D . 0.65 25.52 -9.44
C6 MAN D . 0.26 25.29 -7.99
O2 MAN D . 1.56 23.11 -11.91
O3 MAN D . -0.71 24.48 -12.83
O4 MAN D . -1.60 25.57 -10.31
O5 MAN D . 1.95 24.92 -9.66
O6 MAN D . 1.10 26.11 -7.19
C1 GOL E . -15.76 -3.38 10.62
O1 GOL E . -16.99 -3.23 11.23
C2 GOL E . -15.70 -4.81 10.00
O2 GOL E . -14.57 -4.96 9.18
C3 GOL E . -15.67 -5.79 11.21
O3 GOL E . -15.17 -7.01 10.74
C1 GOL F . -6.11 8.69 24.25
O1 GOL F . -5.55 7.43 24.44
C2 GOL F . -6.49 8.72 22.78
O2 GOL F . -6.36 9.99 22.20
C3 GOL F . -7.94 8.16 22.70
O3 GOL F . -7.87 6.77 22.86
C1 GOL G . -0.62 -17.95 -5.26
O1 GOL G . -0.82 -18.26 -3.88
C2 GOL G . -1.90 -17.21 -5.80
O2 GOL G . -2.04 -17.32 -7.21
C3 GOL G . -3.05 -17.89 -5.03
O3 GOL G . -4.27 -17.43 -5.53
C1 GOL H . 12.18 13.06 13.13
O1 GOL H . 12.88 14.27 13.11
C2 GOL H . 12.30 12.47 11.70
O2 GOL H . 11.49 13.14 10.79
C3 GOL H . 11.91 10.98 11.85
O3 GOL H . 12.67 10.25 10.92
C1 GOL I . -11.55 -3.62 -1.96
O1 GOL I . -10.33 -3.21 -1.41
C2 GOL I . -11.40 -4.03 -3.47
O2 GOL I . -10.92 -5.34 -3.66
C3 GOL I . -10.52 -2.92 -4.16
O3 GOL I . -11.39 -2.03 -4.83
C1 GOL J . -16.18 1.66 1.50
O1 GOL J . -17.34 2.45 1.52
C2 GOL J . -15.60 1.64 2.94
O2 GOL J . -16.25 0.72 3.76
C3 GOL J . -14.10 1.28 2.77
O3 GOL J . -13.58 2.08 1.77
C1 GOL K . -6.76 18.33 9.54
O1 GOL K . -7.88 18.78 10.29
C2 GOL K . -5.53 18.44 10.45
O2 GOL K . -5.47 19.67 11.08
C3 GOL K . -4.28 18.14 9.54
O3 GOL K . -4.41 16.80 9.00
C1 GOL L . -1.57 -12.10 -17.42
O1 GOL L . -2.88 -11.64 -17.24
C2 GOL L . -0.80 -12.09 -16.06
O2 GOL L . 0.55 -11.83 -16.24
C3 GOL L . -1.50 -11.05 -15.15
O3 GOL L . -0.51 -10.30 -14.53
C1 GOL M . -8.71 -32.14 -31.90
O1 GOL M . -7.58 -32.55 -31.16
C2 GOL M . -8.43 -30.76 -32.57
O2 GOL M . -8.01 -29.80 -31.64
C3 GOL M . -9.77 -30.36 -33.22
O3 GOL M . -9.46 -29.44 -34.25
C1 GOL N . -16.13 -20.05 -9.95
O1 GOL N . -15.98 -20.21 -8.58
C2 GOL N . -15.73 -21.40 -10.60
O2 GOL N . -14.39 -21.69 -10.40
C3 GOL N . -16.08 -21.26 -12.11
O3 GOL N . -17.40 -21.64 -12.28
C1 NAG O . 25.67 23.55 17.65
C2 NAG O . 25.96 22.94 16.25
C3 NAG O . 24.94 21.86 15.93
C4 NAG O . 24.92 20.79 17.03
C5 NAG O . 24.65 21.45 18.38
C6 NAG O . 24.75 20.48 19.53
C7 NAG O . 27.08 24.46 14.69
C8 NAG O . 26.90 25.50 13.62
N2 NAG O . 25.96 23.97 15.23
O3 NAG O . 25.27 21.25 14.69
O4 NAG O . 23.92 19.82 16.76
O5 NAG O . 25.62 22.49 18.64
O6 NAG O . 25.90 19.65 19.43
O7 NAG O . 28.20 24.09 15.04
C1 NAG P . -5.57 22.14 17.08
C2 NAG P . -6.54 23.03 16.30
C3 NAG P . -7.96 22.90 16.86
C4 NAG P . -8.40 21.45 16.94
C5 NAG P . -7.36 20.61 17.68
C6 NAG P . -7.67 19.13 17.61
C7 NAG P . -5.72 25.10 15.27
C8 NAG P . -5.36 26.54 15.50
N2 NAG P . -6.13 24.43 16.35
O3 NAG P . -8.84 23.61 15.99
O4 NAG P . -9.64 21.35 17.65
O5 NAG P . -6.06 20.78 17.09
O6 NAG P . -6.79 18.38 18.42
O7 NAG P . -5.64 24.57 14.17
C1 NAG Q . 0.55 19.29 25.36
C2 NAG Q . 1.69 18.86 24.43
C3 NAG Q . 1.31 17.62 23.64
C4 NAG Q . 0.86 16.51 24.59
C5 NAG Q . -0.27 17.03 25.47
C6 NAG Q . -0.74 16.01 26.51
C7 NAG Q . 3.05 20.81 23.78
C8 NAG Q . 3.29 21.87 22.74
N2 NAG Q . 2.06 19.94 23.53
O3 NAG Q . 2.43 17.18 22.88
O4 NAG Q . 0.44 15.38 23.84
O5 NAG Q . 0.16 18.19 26.20
O6 NAG Q . -1.82 16.52 27.28
O7 NAG Q . 3.73 20.73 24.79
#